data_9KWF
#
_entry.id   9KWF
#
_cell.length_a   1.00
_cell.length_b   1.00
_cell.length_c   1.00
_cell.angle_alpha   90.00
_cell.angle_beta   90.00
_cell.angle_gamma   90.00
#
_symmetry.space_group_name_H-M   'P 1'
#
_entity_poly.entity_id   1
_entity_poly.type   'polypeptide(L)'
_entity_poly.pdbx_seq_one_letter_code
;MNSLTLTSDQENALEGMKAFCANSLDKNWPAALLQGYAGTGKTTLLGVLVSSLVEKGYKVAVTAPTNKAVSVLMEKVPDA
SCHATIHSLLGLALQEEGETQKLVSSGTSCVNDFDVVIVDECSMIGADLLSMIRGRPKFIFVGDPAQLPPVNEIFSPVFR
SVGLRWSLSKIVRQAEGNAIIDLSAEIRLKSEEGVPMTLEDIKSILEGKLEACCMSGIDLVSALTHEWKEGRDSRILAWR
NATVDFYNRAIFSSLYPDATTPFVPGQTAIVGSSFEVDPDAHVRLDTSEEVTILSLEPGERLGVPVFLARVQRASGETWT
LPIPRSSSDFAREVKASFSEWRFWKNQVKASPSASEASEADRKASAFLKKGWALKKGIADLRHPWAMTVHKAQGSTYDTV
FVDWNDLRAIPSDDFLRILYTAVTRPSRYLAICH
;
_entity_poly.pdbx_strand_id   B,A
#
# COMPACT_ATOMS: atom_id res chain seq x y z
N THR A 7 8.33 18.29 12.64
CA THR A 7 7.58 17.05 12.46
C THR A 7 8.53 15.91 12.10
N SER A 8 8.17 14.69 12.50
CA SER A 8 9.04 13.53 12.26
C SER A 8 8.85 12.99 10.84
N ASP A 9 7.63 12.55 10.51
CA ASP A 9 7.39 11.95 9.21
C ASP A 9 7.36 12.99 8.09
N GLN A 10 6.91 14.20 8.38
CA GLN A 10 6.71 15.19 7.32
C GLN A 10 8.03 15.58 6.67
N GLU A 11 9.04 15.93 7.48
CA GLU A 11 10.30 16.36 6.91
C GLU A 11 11.03 15.19 6.23
N ASN A 12 10.88 13.98 6.75
CA ASN A 12 11.46 12.82 6.09
C ASN A 12 10.83 12.59 4.73
N ALA A 13 9.50 12.76 4.63
CA ALA A 13 8.85 12.64 3.32
C ALA A 13 9.25 13.76 2.39
N LEU A 14 9.39 14.99 2.91
CA LEU A 14 9.77 16.12 2.06
C LEU A 14 11.17 15.96 1.51
N GLU A 15 12.16 15.89 2.40
CA GLU A 15 13.54 15.64 1.98
C GLU A 15 13.61 14.26 1.39
N GLY A 16 13.66 14.18 0.07
CA GLY A 16 13.65 12.95 -0.67
C GLY A 16 12.73 13.08 -1.86
N MET A 17 11.57 13.73 -1.70
CA MET A 17 10.84 14.21 -2.87
C MET A 17 11.52 15.45 -3.45
N LYS A 18 11.97 16.34 -2.57
CA LYS A 18 12.71 17.51 -3.00
C LYS A 18 14.02 17.16 -3.68
N ALA A 19 14.52 15.93 -3.50
CA ALA A 19 15.71 15.46 -4.18
C ALA A 19 15.40 14.53 -5.36
N PHE A 20 14.29 13.80 -5.32
CA PHE A 20 13.88 13.01 -6.47
C PHE A 20 13.47 13.89 -7.63
N CYS A 21 12.82 15.03 -7.34
CA CYS A 21 12.47 15.96 -8.40
C CYS A 21 13.72 16.53 -9.07
N ALA A 22 14.74 16.86 -8.28
CA ALA A 22 15.97 17.45 -8.80
C ALA A 22 16.93 16.44 -9.40
N ASN A 23 16.46 15.21 -9.67
CA ASN A 23 17.26 14.16 -10.30
C ASN A 23 18.49 13.78 -9.49
N SER A 24 18.48 14.05 -8.18
CA SER A 24 19.60 13.62 -7.33
C SER A 24 19.64 12.10 -7.22
N LEU A 25 18.49 11.45 -7.20
CA LEU A 25 18.41 10.00 -7.11
C LEU A 25 18.62 9.40 -8.50
N ASP A 26 18.36 8.10 -8.62
CA ASP A 26 18.42 7.43 -9.91
C ASP A 26 17.34 7.97 -10.84
N LYS A 27 17.67 8.04 -12.13
CA LYS A 27 16.75 8.58 -13.11
C LYS A 27 15.74 7.52 -13.54
N ASN A 28 14.90 7.89 -14.51
CA ASN A 28 13.88 7.00 -15.07
C ASN A 28 12.93 6.47 -13.99
N TRP A 29 12.63 7.32 -13.01
CA TRP A 29 11.61 7.04 -11.99
C TRP A 29 10.53 8.11 -12.12
N PRO A 30 9.48 7.85 -12.92
CA PRO A 30 8.39 8.81 -13.07
C PRO A 30 7.23 8.58 -12.10
N ALA A 31 7.55 8.55 -10.80
CA ALA A 31 6.52 8.25 -9.81
C ALA A 31 7.03 8.66 -8.42
N ALA A 32 6.10 8.70 -7.48
CA ALA A 32 6.36 8.93 -6.06
C ALA A 32 5.06 8.64 -5.32
N LEU A 33 5.09 8.84 -3.99
CA LEU A 33 3.89 8.66 -3.18
C LEU A 33 4.09 9.39 -1.86
N LEU A 34 2.97 9.78 -1.24
CA LEU A 34 3.00 10.45 0.05
C LEU A 34 2.28 9.67 1.15
N GLN A 35 1.03 9.28 0.93
CA GLN A 35 0.27 8.40 1.82
C GLN A 35 0.17 8.97 3.24
N GLY A 36 -0.52 10.11 3.33
CA GLY A 36 -0.91 10.68 4.60
C GLY A 36 -2.35 10.31 4.95
N TYR A 37 -2.66 10.33 6.24
CA TYR A 37 -3.99 9.88 6.66
C TYR A 37 -4.99 11.02 6.86
N ALA A 38 -4.74 11.88 7.86
CA ALA A 38 -5.60 13.00 8.19
C ALA A 38 -4.93 13.80 9.31
N GLY A 39 -5.02 15.11 9.28
CA GLY A 39 -4.27 15.94 10.20
C GLY A 39 -2.78 15.97 9.93
N THR A 40 -2.28 15.04 9.13
CA THR A 40 -0.93 15.09 8.61
C THR A 40 -0.85 16.11 7.48
N GLY A 41 0.38 16.48 7.12
CA GLY A 41 0.56 17.46 6.07
C GLY A 41 0.41 16.89 4.68
N LYS A 42 -0.56 16.01 4.49
CA LYS A 42 -0.79 15.44 3.16
C LYS A 42 -1.16 16.51 2.15
N THR A 43 -1.69 17.65 2.61
CA THR A 43 -1.98 18.79 1.75
C THR A 43 -1.35 20.06 2.34
N THR A 44 -0.42 19.92 3.28
CA THR A 44 0.27 21.06 3.88
C THR A 44 1.73 21.14 3.46
N LEU A 45 2.45 20.02 3.49
CA LEU A 45 3.83 20.03 3.01
C LEU A 45 3.92 20.27 1.52
N LEU A 46 2.83 20.05 0.78
CA LEU A 46 2.83 20.34 -0.64
C LEU A 46 3.05 21.83 -0.91
N GLY A 47 2.53 22.69 -0.03
CA GLY A 47 2.79 24.11 -0.19
C GLY A 47 4.27 24.43 -0.13
N VAL A 48 4.96 23.86 0.85
CA VAL A 48 6.41 24.07 0.96
C VAL A 48 7.13 23.49 -0.25
N LEU A 49 6.71 22.30 -0.68
CA LEU A 49 7.36 21.66 -1.83
C LEU A 49 7.22 22.51 -3.08
N VAL A 50 6.01 22.98 -3.36
CA VAL A 50 5.76 23.78 -4.56
C VAL A 50 6.47 25.12 -4.47
N SER A 51 6.50 25.73 -3.27
CA SER A 51 7.23 26.97 -3.11
C SER A 51 8.72 26.79 -3.39
N SER A 52 9.31 25.72 -2.87
CA SER A 52 10.72 25.44 -3.12
C SER A 52 10.97 25.19 -4.60
N LEU A 53 10.10 24.42 -5.25
CA LEU A 53 10.30 24.08 -6.65
C LEU A 53 10.18 25.32 -7.54
N VAL A 54 9.21 26.20 -7.25
CA VAL A 54 9.09 27.44 -7.99
C VAL A 54 10.31 28.32 -7.75
N GLU A 55 10.76 28.42 -6.49
CA GLU A 55 11.97 29.16 -6.21
C GLU A 55 13.19 28.55 -6.89
N LYS A 56 13.17 27.24 -7.12
CA LYS A 56 14.25 26.56 -7.83
C LYS A 56 14.25 26.86 -9.32
N GLY A 57 13.17 27.41 -9.86
CA GLY A 57 13.08 27.72 -11.27
C GLY A 57 12.36 26.69 -12.11
N TYR A 58 11.71 25.71 -11.49
CA TYR A 58 11.01 24.68 -12.24
C TYR A 58 9.70 25.22 -12.80
N LYS A 59 8.92 24.34 -13.44
CA LYS A 59 7.59 24.67 -13.96
C LYS A 59 6.65 23.60 -13.40
N VAL A 60 6.12 23.85 -12.22
CA VAL A 60 5.30 22.89 -11.51
C VAL A 60 3.84 23.09 -11.87
N ALA A 61 3.07 22.00 -11.79
CA ALA A 61 1.63 22.04 -11.99
C ALA A 61 0.96 21.28 -10.87
N VAL A 62 0.00 21.92 -10.21
CA VAL A 62 -0.81 21.28 -9.17
C VAL A 62 -2.11 20.85 -9.80
N THR A 63 -2.42 19.56 -9.72
CA THR A 63 -3.51 18.97 -10.47
C THR A 63 -4.36 18.11 -9.56
N ALA A 64 -5.64 17.98 -9.90
CA ALA A 64 -6.59 17.17 -9.16
C ALA A 64 -7.56 16.54 -10.14
N PRO A 65 -8.17 15.41 -9.78
CA PRO A 65 -9.12 14.76 -10.70
C PRO A 65 -10.46 15.46 -10.81
N THR A 66 -10.79 16.35 -9.88
CA THR A 66 -12.08 17.04 -9.88
C THR A 66 -11.85 18.54 -9.79
N ASN A 67 -12.84 19.29 -10.27
CA ASN A 67 -12.71 20.74 -10.30
C ASN A 67 -12.82 21.36 -8.91
N LYS A 68 -13.63 20.77 -8.03
CA LYS A 68 -13.73 21.29 -6.67
C LYS A 68 -12.42 21.13 -5.92
N ALA A 69 -11.74 20.00 -6.10
CA ALA A 69 -10.48 19.76 -5.41
C ALA A 69 -9.42 20.78 -5.83
N VAL A 70 -9.30 21.02 -7.14
CA VAL A 70 -8.31 22.00 -7.60
C VAL A 70 -8.75 23.41 -7.22
N SER A 71 -10.06 23.68 -7.17
CA SER A 71 -10.54 24.97 -6.71
C SER A 71 -10.10 25.23 -5.27
N VAL A 72 -10.20 24.20 -4.41
CA VAL A 72 -9.68 24.31 -3.06
C VAL A 72 -8.17 24.50 -3.08
N LEU A 73 -7.48 23.72 -3.93
CA LEU A 73 -6.02 23.78 -3.99
C LEU A 73 -5.54 25.17 -4.40
N MET A 74 -6.33 25.90 -5.18
CA MET A 74 -5.95 27.27 -5.53
C MET A 74 -5.75 28.11 -4.28
N GLU A 75 -6.66 28.01 -3.32
CA GLU A 75 -6.49 28.71 -2.06
C GLU A 75 -5.38 28.08 -1.22
N LYS A 76 -5.32 26.74 -1.21
CA LYS A 76 -4.28 26.07 -0.43
C LYS A 76 -2.89 26.30 -1.00
N VAL A 77 -2.76 26.24 -2.32
CA VAL A 77 -1.47 26.40 -3.00
C VAL A 77 -1.55 27.63 -3.89
N PRO A 78 -1.08 28.79 -3.41
CA PRO A 78 -1.07 30.00 -4.23
C PRO A 78 0.20 30.23 -5.02
N ASP A 79 1.10 29.24 -5.12
CA ASP A 79 2.37 29.42 -5.80
C ASP A 79 2.54 28.53 -7.03
N ALA A 80 1.55 27.71 -7.37
CA ALA A 80 1.66 26.84 -8.52
C ALA A 80 1.47 27.66 -9.79
N SER A 81 1.41 27.00 -10.94
CA SER A 81 1.38 27.70 -12.21
C SER A 81 0.19 27.33 -13.08
N CYS A 82 -0.21 26.07 -13.05
CA CYS A 82 -1.21 25.56 -13.99
C CYS A 82 -2.25 24.69 -13.27
N HIS A 83 -2.84 25.22 -12.21
CA HIS A 83 -3.96 24.55 -11.55
C HIS A 83 -4.99 24.12 -12.60
N ALA A 84 -5.19 22.81 -12.74
CA ALA A 84 -6.08 22.31 -13.78
C ALA A 84 -6.54 20.91 -13.38
N THR A 85 -7.57 20.43 -14.09
CA THR A 85 -8.02 19.05 -13.92
C THR A 85 -7.00 18.10 -14.55
N ILE A 86 -7.05 16.84 -14.09
CA ILE A 86 -6.17 15.82 -14.65
C ILE A 86 -6.46 15.60 -16.12
N HIS A 87 -7.68 15.86 -16.56
CA HIS A 87 -8.02 15.73 -17.97
C HIS A 87 -7.59 16.93 -18.80
N SER A 88 -7.30 18.06 -18.16
CA SER A 88 -6.93 19.28 -18.88
C SER A 88 -5.43 19.44 -19.06
N LEU A 89 -4.61 18.77 -18.25
CA LEU A 89 -3.17 18.84 -18.42
C LEU A 89 -2.67 17.86 -19.48
N LEU A 90 -3.55 17.02 -20.02
CA LEU A 90 -3.17 16.09 -21.07
C LEU A 90 -4.18 16.07 -22.22
N GLY A 91 -5.23 16.87 -22.15
CA GLY A 91 -6.22 16.89 -23.21
C GLY A 91 -7.06 15.63 -23.33
N LEU A 92 -7.20 14.88 -22.25
CA LEU A 92 -7.94 13.62 -22.28
C LEU A 92 -9.43 13.89 -22.05
N ALA A 93 -10.26 13.09 -22.71
CA ALA A 93 -11.71 13.20 -22.57
C ALA A 93 -12.39 11.92 -23.00
N GLY A 107 -8.41 19.17 -24.89
CA GLY A 107 -7.93 19.83 -26.09
C GLY A 107 -6.57 19.34 -26.54
N THR A 108 -5.52 20.03 -26.13
CA THR A 108 -4.15 19.68 -26.47
C THR A 108 -3.34 19.48 -25.19
N SER A 109 -2.47 18.49 -25.21
CA SER A 109 -1.68 18.14 -24.03
C SER A 109 -0.57 19.19 -23.83
N CYS A 110 -0.58 19.85 -22.67
CA CYS A 110 0.44 20.81 -22.30
C CYS A 110 1.41 20.26 -21.27
N VAL A 111 1.42 18.94 -21.07
CA VAL A 111 2.18 18.36 -19.97
C VAL A 111 3.68 18.52 -20.19
N ASN A 112 4.15 18.41 -21.43
CA ASN A 112 5.58 18.49 -21.70
C ASN A 112 6.17 19.85 -21.35
N ASP A 113 5.34 20.89 -21.26
CA ASP A 113 5.84 22.21 -20.89
C ASP A 113 6.25 22.30 -19.43
N PHE A 114 5.91 21.31 -18.62
CA PHE A 114 6.18 21.34 -17.18
C PHE A 114 7.32 20.38 -16.83
N ASP A 115 8.01 20.69 -15.74
CA ASP A 115 9.08 19.85 -15.24
C ASP A 115 8.67 18.94 -14.11
N VAL A 116 7.72 19.38 -13.28
CA VAL A 116 7.20 18.59 -12.16
C VAL A 116 5.68 18.64 -12.19
N VAL A 117 5.04 17.49 -12.06
CA VAL A 117 3.59 17.40 -11.98
C VAL A 117 3.24 16.84 -10.60
N ILE A 118 2.40 17.55 -9.87
CA ILE A 118 2.01 17.17 -8.51
C ILE A 118 0.53 16.86 -8.54
N VAL A 119 0.20 15.57 -8.65
CA VAL A 119 -1.20 15.14 -8.63
C VAL A 119 -1.68 15.09 -7.19
N ASP A 120 -2.98 15.25 -6.99
CA ASP A 120 -3.58 15.34 -5.67
C ASP A 120 -4.89 14.58 -5.62
N GLU A 121 -5.29 14.20 -4.40
CA GLU A 121 -6.41 13.28 -4.17
C GLU A 121 -6.40 12.13 -5.17
N CYS A 122 -5.31 11.35 -5.12
CA CYS A 122 -5.10 10.22 -6.02
C CYS A 122 -5.79 8.96 -5.54
N SER A 123 -6.47 8.99 -4.40
CA SER A 123 -7.13 7.78 -3.89
C SER A 123 -8.28 7.31 -4.77
N MET A 124 -8.86 8.20 -5.58
CA MET A 124 -9.92 7.82 -6.50
C MET A 124 -9.42 7.72 -7.95
N ILE A 125 -8.12 7.83 -8.17
CA ILE A 125 -7.56 7.78 -9.52
C ILE A 125 -7.62 6.35 -10.03
N GLY A 126 -8.25 6.14 -11.18
CA GLY A 126 -8.37 4.82 -11.75
C GLY A 126 -7.12 4.38 -12.49
N ALA A 127 -7.14 3.13 -12.93
CA ALA A 127 -5.97 2.56 -13.61
C ALA A 127 -5.72 3.23 -14.94
N ASP A 128 -6.78 3.67 -15.63
CA ASP A 128 -6.59 4.33 -16.93
C ASP A 128 -5.80 5.62 -16.77
N LEU A 129 -5.99 6.33 -15.66
CA LEU A 129 -5.23 7.54 -15.43
C LEU A 129 -3.74 7.24 -15.28
N LEU A 130 -3.40 6.15 -14.59
CA LEU A 130 -2.00 5.72 -14.55
C LEU A 130 -1.50 5.33 -15.93
N SER A 131 -2.35 4.67 -16.72
CA SER A 131 -1.93 4.24 -18.05
C SER A 131 -1.61 5.43 -18.95
N MET A 132 -2.46 6.46 -18.95
CA MET A 132 -2.21 7.66 -19.73
C MET A 132 -1.69 8.82 -18.90
N ILE A 133 -0.93 8.53 -17.83
CA ILE A 133 -0.23 9.58 -17.09
C ILE A 133 1.19 9.78 -17.60
N ARG A 134 1.60 9.07 -18.65
CA ARG A 134 2.98 9.14 -19.12
C ARG A 134 3.31 10.53 -19.63
N GLY A 135 4.55 10.96 -19.37
CA GLY A 135 5.02 12.24 -19.84
C GLY A 135 6.47 12.44 -19.45
N ARG A 136 7.06 13.49 -20.02
CA ARG A 136 8.46 13.80 -19.73
C ARG A 136 8.70 14.35 -18.32
N PRO A 137 7.77 15.11 -17.68
CA PRO A 137 8.07 15.60 -16.32
C PRO A 137 8.03 14.50 -15.28
N LYS A 138 8.35 14.84 -14.04
CA LYS A 138 8.33 13.90 -12.93
C LYS A 138 6.99 14.03 -12.19
N PHE A 139 6.27 12.93 -12.09
CA PHE A 139 4.93 12.92 -11.53
C PHE A 139 4.97 12.49 -10.06
N ILE A 140 4.31 13.25 -9.20
CA ILE A 140 4.23 12.98 -7.77
C ILE A 140 2.77 12.77 -7.42
N PHE A 141 2.47 11.69 -6.70
CA PHE A 141 1.12 11.34 -6.33
C PHE A 141 0.90 11.54 -4.84
N VAL A 142 -0.27 12.04 -4.48
CA VAL A 142 -0.64 12.29 -3.10
C VAL A 142 -2.01 11.69 -2.85
N GLY A 143 -2.12 10.87 -1.80
CA GLY A 143 -3.38 10.21 -1.51
C GLY A 143 -3.41 9.66 -0.09
N ASP A 144 -4.56 9.10 0.26
CA ASP A 144 -4.80 8.57 1.60
C ASP A 144 -5.33 7.15 1.47
N PRO A 145 -4.62 6.14 1.98
CA PRO A 145 -5.11 4.76 1.82
C PRO A 145 -6.36 4.45 2.62
N ALA A 146 -6.75 5.28 3.57
CA ALA A 146 -7.90 4.99 4.43
C ALA A 146 -9.22 5.40 3.81
N GLN A 147 -9.21 6.14 2.71
CA GLN A 147 -10.45 6.61 2.09
C GLN A 147 -11.01 5.54 1.15
N LEU A 148 -12.13 5.88 0.51
CA LEU A 148 -12.77 4.94 -0.40
C LEU A 148 -11.94 4.76 -1.67
N PRO A 149 -12.01 3.59 -2.29
CA PRO A 149 -11.36 3.39 -3.58
C PRO A 149 -12.27 3.84 -4.71
N PRO A 150 -11.75 4.01 -5.92
CA PRO A 150 -12.61 4.37 -7.05
C PRO A 150 -13.63 3.28 -7.35
N VAL A 151 -14.72 3.70 -8.00
CA VAL A 151 -15.84 2.80 -8.25
C VAL A 151 -15.40 1.61 -9.08
N ASN A 152 -16.02 0.45 -8.81
CA ASN A 152 -15.72 -0.81 -9.49
C ASN A 152 -14.24 -1.15 -9.35
N GLU A 153 -13.67 -0.90 -8.18
CA GLU A 153 -12.23 -1.04 -8.00
C GLU A 153 -11.97 -1.04 -6.50
N ILE A 154 -11.12 -1.95 -6.04
CA ILE A 154 -11.04 -2.27 -4.62
C ILE A 154 -9.92 -1.56 -3.86
N PHE A 155 -8.85 -1.16 -4.54
CA PHE A 155 -7.74 -0.48 -3.88
C PHE A 155 -6.90 0.23 -4.92
N SER A 156 -6.75 1.54 -4.75
CA SER A 156 -6.22 2.40 -5.80
C SER A 156 -4.87 1.89 -6.29
N PRO A 157 -4.68 1.74 -7.61
CA PRO A 157 -3.41 1.19 -8.10
C PRO A 157 -2.21 2.06 -7.82
N VAL A 158 -2.41 3.34 -7.50
CA VAL A 158 -1.29 4.21 -7.16
C VAL A 158 -0.56 3.70 -5.94
N PHE A 159 -1.28 3.07 -5.00
CA PHE A 159 -0.64 2.51 -3.81
C PHE A 159 0.14 1.25 -4.12
N ARG A 160 -0.09 0.63 -5.28
CA ARG A 160 0.72 -0.49 -5.74
C ARG A 160 1.99 -0.03 -6.46
N SER A 161 2.37 1.23 -6.30
CA SER A 161 3.57 1.75 -6.94
C SER A 161 4.80 1.00 -6.46
N VAL A 162 5.66 0.63 -7.41
CA VAL A 162 6.86 -0.12 -7.11
C VAL A 162 8.10 0.78 -7.01
N GLY A 163 7.99 2.04 -7.44
CA GLY A 163 9.12 2.95 -7.37
C GLY A 163 9.30 3.57 -5.99
N LEU A 164 9.56 4.87 -5.95
CA LEU A 164 9.76 5.55 -4.68
C LEU A 164 8.46 5.62 -3.91
N ARG A 165 8.57 5.66 -2.58
CA ARG A 165 7.41 5.69 -1.70
C ARG A 165 7.72 6.50 -0.45
N TRP A 166 6.65 7.01 0.16
CA TRP A 166 6.72 7.69 1.43
C TRP A 166 5.40 7.48 2.16
N SER A 167 5.42 7.64 3.48
CA SER A 167 4.24 7.40 4.29
C SER A 167 4.17 8.38 5.46
N LEU A 168 2.96 8.84 5.76
CA LEU A 168 2.68 9.70 6.91
C LEU A 168 1.51 9.09 7.65
N SER A 169 1.74 8.66 8.90
CA SER A 169 0.68 8.08 9.74
C SER A 169 0.70 8.75 11.11
N LYS A 170 0.06 9.92 11.20
CA LYS A 170 -0.11 10.64 12.45
C LYS A 170 -1.40 11.45 12.38
N ILE A 171 -1.80 12.00 13.53
CA ILE A 171 -2.92 12.92 13.62
C ILE A 171 -2.43 14.17 14.35
N VAL A 172 -1.16 14.50 14.16
CA VAL A 172 -0.56 15.62 14.89
C VAL A 172 -1.33 16.89 14.63
N ARG A 173 -1.64 17.61 15.70
CA ARG A 173 -2.41 18.86 15.64
C ARG A 173 -3.70 18.70 14.86
N GLY A 177 -6.47 19.62 20.92
CA GLY A 177 -7.80 20.11 21.20
C GLY A 177 -8.66 20.25 19.95
N ASN A 178 -8.75 19.18 19.19
CA ASN A 178 -9.53 19.16 17.96
C ASN A 178 -10.43 17.92 17.95
N ALA A 179 -11.59 18.07 17.30
CA ALA A 179 -12.60 17.02 17.31
C ALA A 179 -13.03 16.55 15.93
N ILE A 180 -12.77 17.32 14.88
CA ILE A 180 -13.19 16.89 13.54
C ILE A 180 -12.36 15.71 13.07
N ILE A 181 -11.06 15.71 13.38
CA ILE A 181 -10.19 14.62 12.97
C ILE A 181 -10.03 13.54 14.05
N ASP A 182 -10.31 13.87 15.30
CA ASP A 182 -10.22 12.87 16.36
C ASP A 182 -11.24 11.76 16.17
N LEU A 183 -12.44 12.12 15.69
CA LEU A 183 -13.45 11.11 15.40
C LEU A 183 -12.99 10.19 14.29
N SER A 184 -12.34 10.74 13.26
CA SER A 184 -11.80 9.91 12.19
C SER A 184 -10.70 8.99 12.69
N ALA A 185 -9.84 9.50 13.59
CA ALA A 185 -8.80 8.67 14.18
C ALA A 185 -9.41 7.52 14.98
N GLU A 186 -10.47 7.80 15.74
CA GLU A 186 -11.15 6.74 16.48
C GLU A 186 -11.80 5.73 15.54
N ILE A 187 -12.39 6.20 14.45
CA ILE A 187 -12.99 5.29 13.47
C ILE A 187 -11.93 4.36 12.90
N ARG A 188 -10.77 4.92 12.53
CA ARG A 188 -9.69 4.10 12.02
C ARG A 188 -9.20 3.11 13.07
N LEU A 189 -9.11 3.56 14.33
CA LEU A 189 -8.67 2.67 15.40
C LEU A 189 -9.62 1.49 15.56
N LYS A 190 -10.93 1.73 15.52
CA LYS A 190 -11.89 0.64 15.60
C LYS A 190 -11.95 -0.19 14.32
N SER A 191 -11.45 0.33 13.21
CA SER A 191 -11.44 -0.41 11.95
C SER A 191 -10.46 -1.57 11.95
N GLU A 192 -9.26 -1.40 12.53
CA GLU A 192 -8.25 -2.45 12.46
C GLU A 192 -8.49 -3.57 13.47
N GLU A 193 -9.41 -3.39 14.42
CA GLU A 193 -9.80 -4.43 15.36
C GLU A 193 -11.26 -4.80 15.12
N GLY A 194 -11.66 -5.95 15.68
CA GLY A 194 -12.96 -6.51 15.37
C GLY A 194 -14.14 -5.76 15.96
N VAL A 195 -13.94 -4.98 17.02
CA VAL A 195 -15.07 -4.33 17.67
C VAL A 195 -15.63 -3.24 16.76
N PRO A 196 -16.93 -3.23 16.47
CA PRO A 196 -17.52 -2.18 15.64
C PRO A 196 -17.69 -0.90 16.46
N MET A 197 -18.24 0.12 15.79
CA MET A 197 -18.47 1.42 16.41
C MET A 197 -19.96 1.75 16.30
N THR A 198 -20.59 2.00 17.44
CA THR A 198 -22.03 2.16 17.52
C THR A 198 -22.33 3.50 18.20
N LEU A 199 -23.57 3.98 18.04
CA LEU A 199 -23.91 5.36 18.36
C LEU A 199 -23.59 5.73 19.81
N GLU A 200 -23.66 4.77 20.73
CA GLU A 200 -23.26 5.07 22.11
C GLU A 200 -21.78 5.43 22.20
N ASP A 201 -20.94 4.74 21.43
CA ASP A 201 -19.53 5.14 21.35
C ASP A 201 -19.39 6.55 20.79
N ILE A 202 -20.22 6.88 19.79
CA ILE A 202 -20.19 8.22 19.20
C ILE A 202 -20.55 9.27 20.24
N LYS A 203 -21.59 9.00 21.03
CA LYS A 203 -21.99 9.96 22.06
C LYS A 203 -20.93 10.07 23.15
N SER A 204 -20.35 8.95 23.57
CA SER A 204 -19.34 8.99 24.62
C SER A 204 -18.06 9.68 24.18
N ILE A 205 -17.71 9.61 22.90
CA ILE A 205 -16.54 10.33 22.42
C ILE A 205 -16.88 11.79 22.10
N LEU A 206 -18.12 12.07 21.71
CA LEU A 206 -18.58 13.42 21.42
C LEU A 206 -19.34 14.01 22.60
N GLU A 207 -18.64 14.17 23.72
CA GLU A 207 -19.20 14.78 24.92
C GLU A 207 -18.14 15.69 25.53
N GLY A 208 -18.42 16.99 25.54
CA GLY A 208 -17.46 17.98 25.97
C GLY A 208 -16.69 18.61 24.83
N LYS A 209 -16.45 17.86 23.76
CA LYS A 209 -15.83 18.44 22.56
C LYS A 209 -16.73 19.50 21.96
N LEU A 210 -18.03 19.22 21.87
CA LEU A 210 -19.05 20.17 21.43
C LEU A 210 -18.78 20.70 20.04
N GLU A 211 -17.97 20.00 19.25
CA GLU A 211 -17.85 20.26 17.82
C GLU A 211 -18.79 19.40 17.01
N ALA A 212 -19.62 18.60 17.67
CA ALA A 212 -20.64 17.80 17.01
C ALA A 212 -21.94 17.89 17.81
N CYS A 213 -23.05 17.71 17.11
CA CYS A 213 -24.38 17.87 17.67
C CYS A 213 -25.08 16.53 17.85
N CYS A 214 -24.32 15.51 18.21
CA CYS A 214 -24.89 14.18 18.45
C CYS A 214 -25.79 14.19 19.68
N LEU A 220 -32.94 18.73 10.51
CA LEU A 220 -31.97 18.93 9.43
C LEU A 220 -32.48 19.92 8.39
N VAL A 221 -33.68 19.66 7.87
CA VAL A 221 -34.22 20.49 6.81
C VAL A 221 -34.37 21.93 7.29
N SER A 222 -35.04 22.13 8.42
CA SER A 222 -35.25 23.47 8.94
C SER A 222 -33.93 24.10 9.38
N ALA A 223 -33.04 23.30 9.99
CA ALA A 223 -31.78 23.84 10.48
C ALA A 223 -30.94 24.38 9.34
N LEU A 224 -30.72 23.59 8.29
CA LEU A 224 -29.89 24.09 7.21
C LEU A 224 -30.64 25.06 6.32
N THR A 225 -31.97 25.06 6.32
CA THR A 225 -32.71 26.13 5.66
C THR A 225 -32.45 27.46 6.36
N HIS A 226 -32.47 27.46 7.70
CA HIS A 226 -32.09 28.65 8.44
C HIS A 226 -30.64 29.03 8.16
N GLU A 227 -29.78 28.03 8.00
CA GLU A 227 -28.40 28.30 7.60
C GLU A 227 -28.34 29.01 6.26
N TRP A 228 -29.14 28.56 5.30
CA TRP A 228 -29.12 29.14 3.96
C TRP A 228 -29.72 30.53 3.94
N LYS A 229 -30.72 30.81 4.78
CA LYS A 229 -31.21 32.17 4.90
C LYS A 229 -30.11 33.12 5.34
N GLU A 230 -29.30 32.68 6.31
CA GLU A 230 -28.15 33.47 6.73
C GLU A 230 -27.10 33.58 5.65
N GLY A 231 -27.04 32.62 4.72
CA GLY A 231 -26.10 32.63 3.62
C GLY A 231 -25.21 31.39 3.57
N ARG A 232 -24.87 30.84 4.73
CA ARG A 232 -24.04 29.65 4.78
C ARG A 232 -24.79 28.46 4.20
N ASP A 233 -24.10 27.66 3.40
CA ASP A 233 -24.66 26.47 2.79
C ASP A 233 -23.99 25.22 3.33
N SER A 234 -24.80 24.19 3.59
CA SER A 234 -24.30 22.93 4.14
C SER A 234 -24.75 21.77 3.27
N ARG A 235 -24.54 20.54 3.75
CA ARG A 235 -24.94 19.36 2.99
C ARG A 235 -25.23 18.22 3.95
N ILE A 236 -25.87 17.18 3.41
CA ILE A 236 -26.20 15.98 4.16
C ILE A 236 -25.61 14.79 3.41
N LEU A 237 -24.75 14.03 4.08
CA LEU A 237 -24.03 12.93 3.44
C LEU A 237 -24.82 11.63 3.63
N ALA A 238 -25.92 11.53 2.89
CA ALA A 238 -26.76 10.34 2.90
C ALA A 238 -26.40 9.45 1.71
N TRP A 239 -27.20 8.42 1.48
CA TRP A 239 -27.04 7.56 0.31
C TRP A 239 -27.74 8.22 -0.88
N ARG A 240 -27.91 7.47 -1.96
CA ARG A 240 -28.51 8.01 -3.18
C ARG A 240 -29.69 7.15 -3.62
N ASN A 241 -30.46 7.71 -4.54
CA ASN A 241 -31.57 7.06 -5.24
C ASN A 241 -32.78 6.85 -4.34
N ALA A 242 -32.63 7.12 -3.03
CA ALA A 242 -33.76 6.97 -2.11
C ALA A 242 -33.91 8.11 -1.11
N THR A 243 -32.86 8.86 -0.82
CA THR A 243 -32.89 9.83 0.29
C THR A 243 -32.58 11.24 -0.12
N VAL A 244 -31.61 11.45 -1.02
CA VAL A 244 -31.14 12.80 -1.33
C VAL A 244 -32.08 13.58 -2.24
N ASP A 245 -33.13 12.94 -2.76
CA ASP A 245 -34.15 13.70 -3.46
C ASP A 245 -35.24 14.21 -2.51
N PHE A 246 -35.64 13.37 -1.55
CA PHE A 246 -36.56 13.81 -0.51
C PHE A 246 -35.91 14.81 0.42
N TYR A 247 -34.59 14.74 0.57
CA TYR A 247 -33.85 15.68 1.40
C TYR A 247 -33.38 16.90 0.62
N ASN A 248 -33.78 17.03 -0.65
CA ASN A 248 -33.50 18.22 -1.44
C ASN A 248 -34.76 18.96 -1.86
N ARG A 249 -35.82 18.25 -2.21
CA ARG A 249 -37.08 18.91 -2.57
C ARG A 249 -37.66 19.66 -1.38
N ALA A 250 -37.53 19.10 -0.17
CA ALA A 250 -38.01 19.79 1.02
C ALA A 250 -37.28 21.10 1.24
N ILE A 251 -35.95 21.11 1.09
CA ILE A 251 -35.19 22.33 1.25
C ILE A 251 -35.52 23.32 0.15
N PHE A 252 -35.75 22.82 -1.07
CA PHE A 252 -36.14 23.72 -2.16
C PHE A 252 -37.46 24.40 -1.85
N SER A 253 -38.44 23.64 -1.33
CA SER A 253 -39.73 24.22 -0.99
C SER A 253 -39.61 25.20 0.17
N SER A 254 -38.82 24.86 1.19
CA SER A 254 -38.74 25.71 2.37
C SER A 254 -37.96 26.99 2.11
N LEU A 255 -36.84 26.88 1.39
CA LEU A 255 -36.01 28.06 1.13
C LEU A 255 -36.74 29.07 0.25
N TYR A 256 -37.34 28.60 -0.83
CA TYR A 256 -38.20 29.43 -1.67
C TYR A 256 -39.63 28.92 -1.55
N PRO A 257 -40.50 29.61 -0.81
CA PRO A 257 -41.86 29.08 -0.59
C PRO A 257 -42.63 28.83 -1.87
N ASP A 258 -42.43 29.67 -2.89
CA ASP A 258 -43.08 29.49 -4.18
C ASP A 258 -42.14 28.77 -5.14
N ALA A 259 -42.64 27.72 -5.78
CA ALA A 259 -41.86 26.91 -6.71
C ALA A 259 -42.50 27.03 -8.09
N THR A 260 -42.09 28.04 -8.84
CA THR A 260 -42.61 28.25 -10.18
C THR A 260 -41.72 27.68 -11.27
N THR A 261 -40.43 27.51 -10.99
CA THR A 261 -39.47 26.98 -11.94
C THR A 261 -38.61 25.95 -11.25
N PRO A 262 -38.03 25.01 -12.01
CA PRO A 262 -37.12 24.04 -11.39
C PRO A 262 -35.96 24.70 -10.65
N PHE A 263 -35.46 25.83 -11.13
CA PHE A 263 -34.41 26.58 -10.47
C PHE A 263 -34.86 28.02 -10.27
N VAL A 264 -34.03 28.78 -9.55
CA VAL A 264 -34.33 30.18 -9.26
C VAL A 264 -33.07 31.00 -9.54
N PRO A 265 -33.20 32.20 -10.12
CA PRO A 265 -32.01 33.04 -10.32
C PRO A 265 -31.29 33.30 -9.01
N GLY A 266 -29.96 33.29 -9.07
CA GLY A 266 -29.12 33.41 -7.89
C GLY A 266 -28.81 32.11 -7.19
N GLN A 267 -29.47 31.02 -7.58
CA GLN A 267 -29.20 29.71 -6.99
C GLN A 267 -27.91 29.12 -7.53
N THR A 268 -27.25 28.32 -6.69
CA THR A 268 -26.09 27.55 -7.09
C THR A 268 -26.53 26.15 -7.46
N ALA A 269 -25.92 25.59 -8.51
CA ALA A 269 -26.32 24.29 -9.02
C ALA A 269 -25.09 23.41 -9.20
N ILE A 270 -25.35 22.12 -9.40
CA ILE A 270 -24.32 21.12 -9.66
C ILE A 270 -24.59 20.49 -11.01
N VAL A 271 -23.57 20.49 -11.87
CA VAL A 271 -23.62 19.94 -13.24
C VAL A 271 -24.98 20.12 -13.91
N ASP A 286 -17.00 19.88 -17.74
CA ASP A 286 -16.40 19.47 -16.49
C ASP A 286 -17.33 18.52 -15.74
N THR A 287 -16.88 18.05 -14.58
CA THR A 287 -17.66 17.13 -13.75
C THR A 287 -17.60 17.59 -12.30
N SER A 288 -18.75 17.53 -11.62
CA SER A 288 -18.86 17.88 -10.21
C SER A 288 -18.31 19.29 -9.94
N GLU A 289 -18.73 20.23 -10.78
CA GLU A 289 -18.34 21.63 -10.63
C GLU A 289 -19.60 22.46 -10.37
N GLU A 290 -19.55 23.27 -9.31
CA GLU A 290 -20.69 24.12 -9.00
C GLU A 290 -20.77 25.28 -9.97
N VAL A 291 -22.00 25.65 -10.35
CA VAL A 291 -22.25 26.76 -11.26
C VAL A 291 -23.33 27.64 -10.66
N THR A 292 -23.36 28.89 -11.10
CA THR A 292 -24.38 29.85 -10.69
C THR A 292 -25.51 29.85 -11.72
N ILE A 293 -26.66 30.36 -11.31
CA ILE A 293 -27.81 30.52 -12.20
C ILE A 293 -28.10 32.01 -12.32
N LEU A 294 -28.15 32.51 -13.56
CA LEU A 294 -28.37 33.92 -13.83
C LEU A 294 -29.76 34.22 -14.40
N SER A 295 -30.33 33.30 -15.17
CA SER A 295 -31.65 33.50 -15.76
C SER A 295 -32.23 32.12 -16.11
N LEU A 296 -33.39 32.12 -16.74
CA LEU A 296 -34.02 30.88 -17.17
C LEU A 296 -34.90 31.17 -18.37
N GLU A 297 -34.69 30.40 -19.43
CA GLU A 297 -35.46 30.52 -20.67
C GLU A 297 -35.44 31.94 -21.22
N PHE A 307 -37.70 24.65 -21.52
CA PHE A 307 -36.58 23.73 -21.66
C PHE A 307 -35.30 24.49 -21.99
N LEU A 308 -35.19 25.70 -21.46
CA LEU A 308 -34.03 26.55 -21.72
C LEU A 308 -33.55 27.11 -20.39
N ALA A 309 -32.26 27.44 -20.34
CA ALA A 309 -31.65 27.94 -19.12
C ALA A 309 -30.36 28.70 -19.39
N ARG A 310 -29.70 29.15 -18.34
CA ARG A 310 -28.42 29.85 -18.43
C ARG A 310 -27.54 29.32 -17.31
N VAL A 311 -26.25 29.14 -17.59
CA VAL A 311 -25.32 28.61 -16.60
C VAL A 311 -24.03 29.42 -16.60
N GLN A 312 -23.90 30.35 -15.65
CA GLN A 312 -22.67 31.09 -15.49
C GLN A 312 -21.58 30.17 -14.95
N ARG A 313 -20.65 29.78 -15.79
CA ARG A 313 -19.62 28.83 -15.38
C ARG A 313 -18.39 29.52 -14.82
N ALA A 314 -17.57 28.79 -14.07
CA ALA A 314 -16.34 29.34 -13.52
C ALA A 314 -16.61 30.57 -12.66
N SER A 315 -15.91 31.67 -12.96
CA SER A 315 -16.15 32.92 -12.26
C SER A 315 -16.85 33.90 -13.19
N GLY A 316 -16.17 34.35 -14.24
CA GLY A 316 -16.76 35.27 -15.19
C GLY A 316 -17.25 34.70 -16.51
N GLU A 317 -17.16 33.38 -16.68
CA GLU A 317 -17.54 32.78 -17.96
C GLU A 317 -19.02 32.45 -18.09
N THR A 318 -19.78 33.33 -18.73
CA THR A 318 -21.21 33.08 -18.89
C THR A 318 -21.46 32.21 -20.11
N TRP A 319 -22.40 31.27 -19.98
CA TRP A 319 -22.71 30.32 -21.04
C TRP A 319 -24.21 30.13 -21.18
N THR A 320 -24.62 29.10 -21.92
CA THR A 320 -26.03 28.76 -22.08
C THR A 320 -26.13 27.24 -22.14
N LEU A 321 -27.32 26.74 -21.84
CA LEU A 321 -27.57 25.31 -21.76
C LEU A 321 -29.07 25.12 -21.83
N ARG A 382 -29.04 19.24 -10.52
CA ARG A 382 -28.60 18.71 -9.24
C ARG A 382 -28.40 19.81 -8.22
N HIS A 383 -29.27 19.84 -7.21
CA HIS A 383 -29.15 20.85 -6.17
C HIS A 383 -27.90 20.58 -5.32
N PRO A 384 -27.31 21.63 -4.74
CA PRO A 384 -26.08 21.47 -3.96
C PRO A 384 -26.27 21.11 -2.49
N TRP A 385 -27.49 20.79 -2.06
CA TRP A 385 -27.74 20.56 -0.63
C TRP A 385 -27.66 19.08 -0.25
N ALA A 386 -28.51 18.25 -0.83
CA ALA A 386 -28.57 16.83 -0.51
C ALA A 386 -27.74 16.06 -1.53
N MET A 387 -26.87 15.18 -1.04
CA MET A 387 -25.80 14.63 -1.84
C MET A 387 -25.27 13.36 -1.18
N THR A 388 -24.34 12.69 -1.86
CA THR A 388 -23.85 11.39 -1.47
C THR A 388 -22.36 11.45 -1.15
N VAL A 389 -21.92 10.59 -0.22
CA VAL A 389 -20.51 10.55 0.18
C VAL A 389 -19.61 10.22 -0.99
N HIS A 390 -20.10 9.42 -1.95
CA HIS A 390 -19.30 9.11 -3.13
C HIS A 390 -18.96 10.37 -3.91
N LYS A 391 -19.95 11.22 -4.17
CA LYS A 391 -19.69 12.49 -4.84
C LYS A 391 -18.99 13.47 -3.92
N ALA A 392 -18.91 13.18 -2.62
CA ALA A 392 -18.20 14.03 -1.67
C ALA A 392 -16.70 13.80 -1.66
N GLN A 393 -16.24 12.69 -2.24
CA GLN A 393 -14.83 12.33 -2.13
C GLN A 393 -13.97 13.35 -2.86
N GLY A 394 -12.96 13.87 -2.16
CA GLY A 394 -12.07 14.88 -2.68
C GLY A 394 -12.55 16.31 -2.50
N SER A 395 -13.87 16.53 -2.46
CA SER A 395 -14.46 17.86 -2.36
C SER A 395 -14.92 18.09 -0.92
N THR A 396 -14.44 19.18 -0.33
CA THR A 396 -14.70 19.42 1.09
C THR A 396 -16.17 19.76 1.36
N TYR A 397 -16.74 20.69 0.60
CA TYR A 397 -18.11 21.17 0.82
C TYR A 397 -18.31 21.77 2.21
N ASP A 398 -17.23 22.30 2.80
CA ASP A 398 -17.30 23.07 4.05
C ASP A 398 -18.08 22.35 5.14
N THR A 399 -18.80 23.11 5.97
CA THR A 399 -19.57 22.54 7.06
C THR A 399 -20.65 21.61 6.52
N VAL A 400 -20.75 20.43 7.11
CA VAL A 400 -21.64 19.40 6.59
C VAL A 400 -22.29 18.69 7.78
N PHE A 401 -23.52 18.24 7.56
CA PHE A 401 -24.22 17.39 8.51
C PHE A 401 -24.24 15.96 7.97
N VAL A 402 -24.16 14.99 8.89
CA VAL A 402 -24.08 13.59 8.53
C VAL A 402 -25.30 12.87 9.10
N ASP A 403 -26.01 12.16 8.22
CA ASP A 403 -27.19 11.39 8.61
C ASP A 403 -26.74 9.99 8.99
N TRP A 404 -26.65 9.74 10.31
CA TRP A 404 -26.19 8.44 10.78
C TRP A 404 -27.16 7.32 10.44
N ASN A 405 -28.46 7.60 10.48
CA ASN A 405 -29.44 6.55 10.24
C ASN A 405 -29.37 5.97 8.83
N ASP A 406 -28.70 6.66 7.90
CA ASP A 406 -28.53 6.14 6.55
C ASP A 406 -27.25 5.32 6.42
N LEU A 407 -26.13 5.83 6.93
CA LEU A 407 -24.87 5.10 6.82
C LEU A 407 -24.85 3.85 7.69
N ARG A 408 -25.54 3.88 8.82
CA ARG A 408 -25.53 2.72 9.70
C ARG A 408 -26.45 1.61 9.21
N ALA A 409 -27.54 1.95 8.51
CA ALA A 409 -28.59 0.97 8.23
C ALA A 409 -28.19 -0.01 7.13
N ILE A 410 -28.00 0.50 5.90
CA ILE A 410 -27.81 -0.38 4.74
C ILE A 410 -26.43 -1.04 4.76
N PRO A 411 -25.32 -0.29 4.84
CA PRO A 411 -24.02 -0.95 4.80
C PRO A 411 -23.78 -1.83 6.03
N SER A 412 -23.03 -2.91 5.81
CA SER A 412 -22.62 -3.80 6.89
C SER A 412 -21.15 -4.18 6.83
N ASP A 413 -20.47 -3.95 5.72
CA ASP A 413 -19.06 -4.27 5.55
C ASP A 413 -18.21 -3.06 5.22
N ASP A 414 -18.73 -2.13 4.41
CA ASP A 414 -17.98 -0.94 4.03
C ASP A 414 -17.89 0.08 5.16
N PHE A 415 -18.58 -0.15 6.28
CA PHE A 415 -18.55 0.77 7.40
C PHE A 415 -17.13 0.95 7.92
N LEU A 416 -16.92 2.05 8.63
CA LEU A 416 -15.62 2.49 9.15
C LEU A 416 -14.73 2.97 8.02
N ARG A 417 -15.20 2.80 6.78
CA ARG A 417 -14.58 3.39 5.61
C ARG A 417 -15.50 4.36 4.89
N ILE A 418 -16.81 4.12 4.94
CA ILE A 418 -17.79 5.13 4.54
C ILE A 418 -17.84 6.24 5.58
N LEU A 419 -17.73 5.90 6.86
CA LEU A 419 -17.69 6.91 7.91
C LEU A 419 -16.46 7.79 7.77
N TYR A 420 -15.31 7.20 7.50
CA TYR A 420 -14.17 7.94 6.99
C TYR A 420 -14.52 8.46 5.60
N THR A 421 -13.90 9.58 5.22
CA THR A 421 -14.19 10.29 3.97
C THR A 421 -15.55 10.97 4.05
N ALA A 422 -16.30 10.72 5.13
CA ALA A 422 -17.49 11.48 5.45
C ALA A 422 -17.30 12.36 6.68
N VAL A 423 -16.46 11.94 7.63
CA VAL A 423 -16.10 12.79 8.75
C VAL A 423 -15.02 13.82 8.36
N THR A 424 -14.21 13.52 7.36
CA THR A 424 -13.13 14.41 6.94
C THR A 424 -13.59 15.48 5.94
N ARG A 425 -14.79 15.35 5.39
CA ARG A 425 -15.30 16.39 4.49
C ARG A 425 -15.44 17.75 5.16
N PRO A 426 -16.05 17.88 6.33
CA PRO A 426 -16.22 19.22 6.90
C PRO A 426 -14.90 19.87 7.26
N SER A 427 -14.85 21.19 7.17
CA SER A 427 -13.65 21.97 7.45
C SER A 427 -13.61 22.49 8.87
N ARG A 428 -14.74 22.96 9.42
CA ARG A 428 -14.76 23.51 10.77
C ARG A 428 -15.90 23.01 11.65
N TYR A 429 -17.01 22.53 11.08
CA TYR A 429 -18.15 22.11 11.89
C TYR A 429 -18.71 20.79 11.35
N LEU A 430 -18.94 19.85 12.27
CA LEU A 430 -19.50 18.55 11.94
C LEU A 430 -20.69 18.29 12.86
N ALA A 431 -21.72 17.63 12.32
CA ALA A 431 -22.90 17.29 13.11
C ALA A 431 -23.45 15.94 12.67
N ILE A 432 -23.72 15.08 13.65
CA ILE A 432 -24.29 13.77 13.41
C ILE A 432 -25.66 13.72 14.04
N CYS A 433 -26.66 13.30 13.27
CA CYS A 433 -28.05 13.33 13.70
C CYS A 433 -28.59 11.90 13.80
N HIS A 434 -29.29 11.61 14.89
CA HIS A 434 -29.91 10.32 15.08
C HIS A 434 -31.34 10.46 15.62
N THR B 7 21.39 6.33 8.12
CA THR B 7 20.40 6.13 7.08
C THR B 7 19.22 7.07 7.27
N SER B 8 18.57 7.46 6.17
CA SER B 8 17.48 8.41 6.25
C SER B 8 16.16 7.73 6.62
N ASP B 9 15.72 6.78 5.79
CA ASP B 9 14.44 6.12 6.02
C ASP B 9 14.50 5.13 7.17
N GLN B 10 15.66 4.48 7.37
CA GLN B 10 15.75 3.41 8.36
C GLN B 10 15.52 3.92 9.78
N GLU B 11 16.23 4.99 10.16
CA GLU B 11 16.08 5.49 11.52
C GLU B 11 14.71 6.11 11.74
N ASN B 12 14.13 6.73 10.71
CA ASN B 12 12.77 7.25 10.83
C ASN B 12 11.76 6.12 11.06
N ALA B 13 11.94 5.00 10.36
CA ALA B 13 11.07 3.85 10.58
C ALA B 13 11.29 3.24 11.96
N LEU B 14 12.54 3.18 12.42
CA LEU B 14 12.83 2.58 13.72
C LEU B 14 12.23 3.43 14.84
N GLU B 15 12.68 4.69 14.95
CA GLU B 15 12.12 5.60 15.94
C GLU B 15 10.67 5.85 15.56
N GLY B 16 9.77 5.21 16.28
CA GLY B 16 8.34 5.26 16.03
C GLY B 16 7.75 3.88 16.16
N MET B 17 8.44 2.85 15.67
CA MET B 17 8.12 1.50 16.12
C MET B 17 8.63 1.25 17.53
N LYS B 18 9.85 1.73 17.81
CA LYS B 18 10.40 1.62 19.15
C LYS B 18 9.58 2.40 20.18
N ALA B 19 8.73 3.32 19.73
CA ALA B 19 7.84 4.05 20.62
C ALA B 19 6.40 3.53 20.58
N PHE B 20 5.96 2.97 19.46
CA PHE B 20 4.64 2.34 19.41
C PHE B 20 4.61 1.07 20.25
N CYS B 21 5.71 0.32 20.29
CA CYS B 21 5.77 -0.85 21.14
C CYS B 21 5.67 -0.47 22.62
N ALA B 22 6.35 0.61 23.01
CA ALA B 22 6.37 1.05 24.40
C ALA B 22 5.13 1.83 24.80
N ASN B 23 4.06 1.80 24.01
CA ASN B 23 2.79 2.45 24.30
C ASN B 23 2.93 3.96 24.45
N SER B 24 3.97 4.55 23.85
CA SER B 24 4.11 6.00 23.88
C SER B 24 3.01 6.66 23.04
N LEU B 25 2.62 6.03 21.94
CA LEU B 25 1.58 6.56 21.07
C LEU B 25 0.21 6.20 21.65
N ASP B 26 -0.83 6.42 20.86
CA ASP B 26 -2.18 6.02 21.26
C ASP B 26 -2.28 4.50 21.36
N LYS B 27 -3.08 4.04 22.31
CA LYS B 27 -3.22 2.62 22.56
C LYS B 27 -4.23 2.01 21.58
N ASN B 28 -4.50 0.72 21.76
CA ASN B 28 -5.46 -0.03 20.95
C ASN B 28 -5.09 0.03 19.47
N TRP B 29 -3.79 -0.01 19.18
CA TRP B 29 -3.26 -0.14 17.82
C TRP B 29 -2.46 -1.42 17.76
N PRO B 30 -3.07 -2.54 17.39
CA PRO B 30 -2.36 -3.83 17.28
C PRO B 30 -1.81 -4.09 15.88
N ALA B 31 -1.04 -3.15 15.35
CA ALA B 31 -0.53 -3.29 13.99
C ALA B 31 0.62 -2.32 13.77
N ALA B 32 1.33 -2.54 12.67
CA ALA B 32 2.40 -1.67 12.18
C ALA B 32 2.77 -2.15 10.78
N LEU B 33 3.76 -1.51 10.18
CA LEU B 33 4.24 -1.92 8.87
C LEU B 33 5.63 -1.34 8.64
N LEU B 34 6.42 -2.00 7.80
CA LEU B 34 7.76 -1.54 7.46
C LEU B 34 7.91 -1.21 5.99
N GLN B 35 7.59 -2.14 5.09
CA GLN B 35 7.55 -1.92 3.64
C GLN B 35 8.91 -1.45 3.10
N GLY B 36 9.88 -2.35 3.20
CA GLY B 36 11.17 -2.18 2.55
C GLY B 36 11.23 -2.96 1.25
N TYR B 37 12.11 -2.52 0.34
CA TYR B 37 12.14 -3.14 -0.98
C TYR B 37 13.20 -4.22 -1.12
N ALA B 38 14.48 -3.82 -1.06
CA ALA B 38 15.62 -4.70 -1.20
C ALA B 38 16.88 -3.89 -0.95
N GLY B 39 17.88 -4.47 -0.30
CA GLY B 39 19.04 -3.71 0.11
C GLY B 39 18.77 -2.72 1.23
N THR B 40 17.50 -2.42 1.50
CA THR B 40 17.10 -1.69 2.69
C THR B 40 17.15 -2.61 3.91
N GLY B 41 17.10 -2.00 5.09
CA GLY B 41 17.16 -2.78 6.31
C GLY B 41 15.85 -3.43 6.68
N LYS B 42 15.13 -3.95 5.69
CA LYS B 42 13.86 -4.62 5.95
C LYS B 42 14.05 -5.83 6.86
N THR B 43 15.26 -6.40 6.86
CA THR B 43 15.61 -7.49 7.77
C THR B 43 16.90 -7.19 8.51
N THR B 44 17.32 -5.93 8.53
CA THR B 44 18.52 -5.50 9.24
C THR B 44 18.19 -4.64 10.45
N LEU B 45 17.30 -3.66 10.31
CA LEU B 45 16.89 -2.86 11.45
C LEU B 45 16.11 -3.68 12.47
N LEU B 46 15.56 -4.82 12.06
CA LEU B 46 14.86 -5.69 13.01
C LEU B 46 15.81 -6.21 14.07
N GLY B 47 17.07 -6.46 13.73
CA GLY B 47 18.03 -6.86 14.73
C GLY B 47 18.19 -5.83 15.82
N VAL B 48 18.33 -4.56 15.42
CA VAL B 48 18.45 -3.48 16.39
C VAL B 48 17.18 -3.36 17.22
N LEU B 49 16.01 -3.46 16.56
CA LEU B 49 14.75 -3.35 17.26
C LEU B 49 14.59 -4.44 18.31
N VAL B 50 14.88 -5.68 17.94
CA VAL B 50 14.73 -6.80 18.87
C VAL B 50 15.75 -6.71 19.99
N SER B 51 16.98 -6.28 19.67
CA SER B 51 17.98 -6.10 20.71
C SER B 51 17.54 -5.04 21.73
N SER B 52 17.01 -3.92 21.24
CA SER B 52 16.53 -2.87 22.14
C SER B 52 15.37 -3.37 22.99
N LEU B 53 14.43 -4.10 22.37
CA LEU B 53 13.26 -4.58 23.11
C LEU B 53 13.64 -5.60 24.17
N VAL B 54 14.57 -6.50 23.86
CA VAL B 54 15.05 -7.45 24.86
C VAL B 54 15.78 -6.71 25.98
N GLU B 55 16.62 -5.74 25.62
CA GLU B 55 17.28 -4.93 26.63
C GLU B 55 16.27 -4.15 27.47
N LYS B 56 15.13 -3.80 26.88
CA LYS B 56 14.07 -3.11 27.62
C LYS B 56 13.34 -4.01 28.60
N GLY B 57 13.50 -5.33 28.49
CA GLY B 57 12.83 -6.26 29.37
C GLY B 57 11.57 -6.87 28.83
N TYR B 58 11.27 -6.68 27.55
CA TYR B 58 10.06 -7.22 26.95
C TYR B 58 10.22 -8.73 26.71
N LYS B 59 9.21 -9.32 26.10
CA LYS B 59 9.22 -10.73 25.70
C LYS B 59 8.84 -10.77 24.23
N VAL B 60 9.84 -10.64 23.37
CA VAL B 60 9.62 -10.53 21.92
C VAL B 60 9.67 -11.90 21.29
N ALA B 61 8.95 -12.05 20.18
CA ALA B 61 8.96 -13.26 19.38
C ALA B 61 9.16 -12.90 17.92
N VAL B 62 10.14 -13.52 17.29
CA VAL B 62 10.40 -13.34 15.87
C VAL B 62 9.75 -14.52 15.15
N THR B 63 8.86 -14.23 14.21
CA THR B 63 8.00 -15.24 13.62
C THR B 63 8.00 -15.09 12.10
N ALA B 64 7.79 -16.20 11.41
CA ALA B 64 7.73 -16.23 9.96
C ALA B 64 6.69 -17.25 9.54
N PRO B 65 6.10 -17.12 8.34
CA PRO B 65 5.09 -18.09 7.90
C PRO B 65 5.67 -19.43 7.47
N THR B 66 6.97 -19.51 7.21
CA THR B 66 7.60 -20.75 6.76
C THR B 66 8.78 -21.08 7.66
N ASN B 67 9.13 -22.37 7.68
CA ASN B 67 10.20 -22.83 8.55
C ASN B 67 11.57 -22.40 8.04
N LYS B 68 11.75 -22.32 6.73
CA LYS B 68 13.02 -21.86 6.18
C LYS B 68 13.29 -20.40 6.53
N ALA B 69 12.25 -19.57 6.46
CA ALA B 69 12.43 -18.15 6.76
C ALA B 69 12.84 -17.94 8.21
N VAL B 70 12.18 -18.63 9.14
CA VAL B 70 12.55 -18.49 10.55
C VAL B 70 13.90 -19.14 10.82
N SER B 71 14.23 -20.21 10.09
CA SER B 71 15.56 -20.80 10.22
C SER B 71 16.65 -19.81 9.84
N VAL B 72 16.41 -19.06 8.76
CA VAL B 72 17.34 -17.97 8.41
C VAL B 72 17.34 -16.91 9.49
N LEU B 73 16.15 -16.53 9.98
CA LEU B 73 16.05 -15.49 10.99
C LEU B 73 16.80 -15.84 12.27
N MET B 74 16.91 -17.13 12.58
CA MET B 74 17.70 -17.54 13.74
C MET B 74 19.13 -17.03 13.63
N GLU B 75 19.74 -17.19 12.46
CA GLU B 75 21.08 -16.63 12.24
C GLU B 75 21.04 -15.12 12.16
N LYS B 76 20.03 -14.55 11.48
CA LYS B 76 19.94 -13.10 11.36
C LYS B 76 19.64 -12.44 12.69
N VAL B 77 18.73 -13.02 13.47
CA VAL B 77 18.31 -12.45 14.75
C VAL B 77 18.68 -13.44 15.85
N PRO B 78 19.83 -13.26 16.50
CA PRO B 78 20.23 -14.14 17.61
C PRO B 78 19.80 -13.67 19.00
N ASP B 79 18.91 -12.67 19.09
CA ASP B 79 18.50 -12.13 20.38
C ASP B 79 17.03 -12.33 20.69
N ALA B 80 16.26 -12.95 19.80
CA ALA B 80 14.84 -13.17 20.05
C ALA B 80 14.67 -14.29 21.07
N SER B 81 13.42 -14.71 21.31
CA SER B 81 13.16 -15.67 22.37
C SER B 81 12.41 -16.90 21.88
N CYS B 82 11.49 -16.73 20.94
CA CYS B 82 10.58 -17.80 20.53
C CYS B 82 10.46 -17.88 19.02
N HIS B 83 11.60 -17.96 18.33
CA HIS B 83 11.60 -18.22 16.89
C HIS B 83 10.68 -19.41 16.56
N ALA B 84 9.61 -19.15 15.83
CA ALA B 84 8.63 -20.18 15.56
C ALA B 84 7.85 -19.82 14.29
N THR B 85 7.12 -20.80 13.77
CA THR B 85 6.22 -20.55 12.66
C THR B 85 5.01 -19.76 13.15
N ILE B 86 4.34 -19.08 12.21
CA ILE B 86 3.14 -18.34 12.54
C ILE B 86 2.04 -19.26 13.04
N HIS B 87 2.06 -20.52 12.64
CA HIS B 87 1.08 -21.48 13.13
C HIS B 87 1.43 -22.03 14.50
N SER B 88 2.68 -21.88 14.94
CA SER B 88 3.11 -22.44 16.22
C SER B 88 3.00 -21.46 17.36
N LEU B 89 2.95 -20.15 17.09
CA LEU B 89 2.77 -19.17 18.14
C LEU B 89 1.31 -18.99 18.53
N LEU B 90 0.39 -19.63 17.82
CA LEU B 90 -1.03 -19.57 18.13
C LEU B 90 -1.70 -20.93 18.11
N GLY B 91 -0.96 -22.00 17.81
CA GLY B 91 -1.55 -23.32 17.79
C GLY B 91 -2.51 -23.56 16.65
N LEU B 92 -2.38 -22.82 15.56
CA LEU B 92 -3.29 -22.94 14.43
C LEU B 92 -2.83 -24.04 13.49
N ALA B 93 -3.80 -24.73 12.89
CA ALA B 93 -3.51 -25.80 11.95
C ALA B 93 -4.71 -26.08 11.07
N GLY B 107 -0.72 -26.72 18.52
CA GLY B 107 -1.02 -27.24 19.84
C GLY B 107 -1.80 -26.26 20.70
N THR B 108 -1.08 -25.50 21.52
CA THR B 108 -1.67 -24.51 22.40
C THR B 108 -1.07 -23.14 22.11
N SER B 109 -1.91 -22.11 22.15
CA SER B 109 -1.47 -20.76 21.83
C SER B 109 -0.65 -20.19 22.97
N CYS B 110 0.60 -19.83 22.68
CA CYS B 110 1.49 -19.21 23.64
C CYS B 110 1.65 -17.72 23.42
N VAL B 111 0.77 -17.11 22.60
CA VAL B 111 0.98 -15.73 22.17
C VAL B 111 0.85 -14.77 23.35
N ASN B 112 -0.07 -15.04 24.28
CA ASN B 112 -0.30 -14.11 25.38
C ASN B 112 0.91 -13.98 26.29
N ASP B 113 1.84 -14.95 26.26
CA ASP B 113 3.03 -14.86 27.09
C ASP B 113 4.01 -13.80 26.59
N PHE B 114 3.81 -13.26 25.40
CA PHE B 114 4.73 -12.31 24.80
C PHE B 114 4.13 -10.91 24.83
N ASP B 115 5.02 -9.90 24.83
CA ASP B 115 4.60 -8.51 24.81
C ASP B 115 4.68 -7.89 23.42
N VAL B 116 5.62 -8.33 22.59
CA VAL B 116 5.78 -7.84 21.23
C VAL B 116 5.92 -9.03 20.30
N VAL B 117 5.18 -9.04 19.19
CA VAL B 117 5.27 -10.06 18.17
C VAL B 117 5.76 -9.39 16.89
N ILE B 118 6.84 -9.90 16.31
CA ILE B 118 7.46 -9.33 15.12
C ILE B 118 7.31 -10.36 14.01
N VAL B 119 6.29 -10.21 13.18
CA VAL B 119 6.09 -11.10 12.05
C VAL B 119 7.02 -10.67 10.92
N ASP B 120 7.37 -11.62 10.06
CA ASP B 120 8.34 -11.41 8.99
C ASP B 120 7.89 -12.10 7.72
N GLU B 121 8.42 -11.62 6.59
CA GLU B 121 7.95 -12.00 5.25
C GLU B 121 6.43 -12.10 5.20
N CYS B 122 5.80 -10.96 5.45
CA CYS B 122 4.34 -10.87 5.48
C CYS B 122 3.73 -10.66 4.10
N SER B 123 4.54 -10.60 3.04
CA SER B 123 4.01 -10.37 1.71
C SER B 123 3.17 -11.54 1.20
N MET B 124 3.37 -12.74 1.75
CA MET B 124 2.57 -13.90 1.38
C MET B 124 1.53 -14.26 2.44
N ILE B 125 1.36 -13.42 3.45
CA ILE B 125 0.42 -13.69 4.54
C ILE B 125 -1.00 -13.48 4.01
N GLY B 126 -1.84 -14.51 4.13
CA GLY B 126 -3.21 -14.42 3.66
C GLY B 126 -4.11 -13.68 4.64
N ALA B 127 -5.35 -13.47 4.20
CA ALA B 127 -6.31 -12.73 5.02
C ALA B 127 -6.69 -13.50 6.28
N ASP B 128 -6.71 -14.84 6.22
CA ASP B 128 -7.05 -15.62 7.39
C ASP B 128 -6.03 -15.43 8.51
N LEU B 129 -4.76 -15.24 8.15
CA LEU B 129 -3.74 -14.98 9.17
C LEU B 129 -4.00 -13.66 9.88
N LEU B 130 -4.41 -12.62 9.14
CA LEU B 130 -4.82 -11.38 9.78
C LEU B 130 -6.05 -11.59 10.66
N SER B 131 -6.99 -12.41 10.20
CA SER B 131 -8.21 -12.64 10.97
C SER B 131 -7.91 -13.31 12.30
N MET B 132 -7.05 -14.33 12.31
CA MET B 132 -6.67 -15.01 13.54
C MET B 132 -5.29 -14.59 14.03
N ILE B 133 -4.88 -13.35 13.77
CA ILE B 133 -3.66 -12.81 14.38
C ILE B 133 -3.95 -12.06 15.68
N ARG B 134 -5.20 -12.04 16.13
CA ARG B 134 -5.56 -11.27 17.32
C ARG B 134 -4.85 -11.80 18.56
N GLY B 135 -4.46 -10.89 19.44
CA GLY B 135 -3.82 -11.25 20.69
C GLY B 135 -3.53 -10.00 21.50
N ARG B 136 -3.15 -10.24 22.75
CA ARG B 136 -2.83 -9.14 23.65
C ARG B 136 -1.52 -8.41 23.33
N PRO B 137 -0.46 -9.06 22.78
CA PRO B 137 0.75 -8.29 22.49
C PRO B 137 0.59 -7.37 21.30
N LYS B 138 1.63 -6.58 21.00
CA LYS B 138 1.62 -5.66 19.87
C LYS B 138 2.30 -6.33 18.69
N PHE B 139 1.58 -6.43 17.57
CA PHE B 139 2.04 -7.15 16.39
C PHE B 139 2.65 -6.17 15.39
N ILE B 140 3.84 -6.50 14.90
CA ILE B 140 4.55 -5.70 13.91
C ILE B 140 4.75 -6.55 12.67
N PHE B 141 4.40 -6.00 11.51
CA PHE B 141 4.47 -6.70 10.24
C PHE B 141 5.61 -6.14 9.39
N VAL B 142 6.32 -7.03 8.71
CA VAL B 142 7.43 -6.67 7.84
C VAL B 142 7.23 -7.35 6.49
N GLY B 143 7.29 -6.59 5.41
CA GLY B 143 7.08 -7.15 4.10
C GLY B 143 7.57 -6.21 3.01
N ASP B 144 7.47 -6.69 1.77
CA ASP B 144 7.94 -5.96 0.60
C ASP B 144 6.82 -5.92 -0.42
N PRO B 145 6.32 -4.74 -0.80
CA PRO B 145 5.21 -4.67 -1.76
C PRO B 145 5.57 -5.10 -3.16
N ALA B 146 6.87 -5.19 -3.49
CA ALA B 146 7.28 -5.50 -4.85
C ALA B 146 7.31 -7.00 -5.15
N GLN B 147 7.16 -7.84 -4.14
CA GLN B 147 7.22 -9.29 -4.35
C GLN B 147 5.84 -9.82 -4.76
N LEU B 148 5.78 -11.14 -4.95
CA LEU B 148 4.53 -11.77 -5.36
C LEU B 148 3.51 -11.73 -4.22
N PRO B 149 2.22 -11.70 -4.55
CA PRO B 149 1.19 -11.82 -3.53
C PRO B 149 0.89 -13.28 -3.25
N PRO B 150 0.18 -13.58 -2.16
CA PRO B 150 -0.18 -14.98 -1.89
C PRO B 150 -1.13 -15.51 -2.96
N VAL B 151 -1.14 -16.84 -3.08
CA VAL B 151 -1.89 -17.50 -4.14
C VAL B 151 -3.38 -17.15 -4.04
N ASN B 152 -4.04 -17.07 -5.20
CA ASN B 152 -5.45 -16.73 -5.30
C ASN B 152 -5.76 -15.40 -4.61
N GLU B 153 -4.85 -14.44 -4.75
CA GLU B 153 -4.95 -13.20 -4.01
C GLU B 153 -4.01 -12.20 -4.66
N ILE B 154 -4.48 -10.96 -4.86
CA ILE B 154 -3.81 -10.03 -5.76
C ILE B 154 -2.88 -9.05 -5.08
N PHE B 155 -3.10 -8.74 -3.80
CA PHE B 155 -2.24 -7.78 -3.09
C PHE B 155 -2.43 -7.96 -1.60
N SER B 156 -1.34 -8.24 -0.90
CA SER B 156 -1.41 -8.72 0.47
C SER B 156 -2.21 -7.75 1.34
N PRO B 157 -3.19 -8.25 2.11
CA PRO B 157 -4.03 -7.35 2.91
C PRO B 157 -3.28 -6.60 3.98
N VAL B 158 -2.08 -7.06 4.36
CA VAL B 158 -1.29 -6.35 5.36
C VAL B 158 -0.94 -4.94 4.88
N PHE B 159 -0.77 -4.77 3.57
CA PHE B 159 -0.48 -3.45 3.03
C PHE B 159 -1.71 -2.54 3.02
N ARG B 160 -2.90 -3.11 3.19
CA ARG B 160 -4.12 -2.32 3.37
C ARG B 160 -4.33 -1.91 4.83
N SER B 161 -3.30 -2.00 5.65
CA SER B 161 -3.41 -1.62 7.05
C SER B 161 -3.78 -0.15 7.17
N VAL B 162 -4.73 0.14 8.06
CA VAL B 162 -5.21 1.49 8.27
C VAL B 162 -4.56 2.15 9.48
N GLY B 163 -3.87 1.38 10.32
CA GLY B 163 -3.21 1.93 11.49
C GLY B 163 -1.88 2.58 11.18
N LEU B 164 -0.88 2.32 12.02
CA LEU B 164 0.44 2.90 11.81
C LEU B 164 1.10 2.30 10.58
N ARG B 165 1.97 3.07 9.95
CA ARG B 165 2.65 2.65 8.72
C ARG B 165 4.04 3.24 8.67
N TRP B 166 4.91 2.57 7.92
CA TRP B 166 6.25 3.05 7.62
C TRP B 166 6.65 2.51 6.26
N SER B 167 7.63 3.17 5.63
CA SER B 167 8.06 2.79 4.29
C SER B 167 9.55 3.00 4.14
N LEU B 168 10.20 2.06 3.44
CA LEU B 168 11.61 2.15 3.08
C LEU B 168 11.72 1.88 1.58
N SER B 169 12.18 2.86 0.82
CA SER B 169 12.36 2.71 -0.63
C SER B 169 13.75 3.21 -1.01
N LYS B 170 14.75 2.34 -0.85
CA LYS B 170 16.12 2.62 -1.28
C LYS B 170 16.80 1.30 -1.63
N ILE B 171 17.98 1.41 -2.23
CA ILE B 171 18.83 0.26 -2.51
C ILE B 171 20.21 0.55 -1.93
N VAL B 172 20.24 1.31 -0.82
CA VAL B 172 21.51 1.74 -0.26
C VAL B 172 22.38 0.53 0.07
N ARG B 173 23.65 0.61 -0.33
CA ARG B 173 24.62 -0.46 -0.13
C ARG B 173 24.09 -1.82 -0.62
N GLY B 177 28.91 -1.02 -5.25
CA GLY B 177 29.57 -2.08 -6.00
C GLY B 177 28.95 -3.45 -5.79
N ASN B 178 27.64 -3.54 -6.00
CA ASN B 178 26.89 -4.78 -5.83
C ASN B 178 26.02 -5.01 -7.05
N ALA B 179 25.82 -6.29 -7.38
CA ALA B 179 25.09 -6.67 -8.58
C ALA B 179 23.89 -7.55 -8.35
N ILE B 180 23.78 -8.21 -7.19
CA ILE B 180 22.63 -9.08 -6.95
C ILE B 180 21.36 -8.26 -6.78
N ILE B 181 21.45 -7.11 -6.12
CA ILE B 181 20.28 -6.25 -5.91
C ILE B 181 20.15 -5.16 -6.97
N ASP B 182 21.23 -4.82 -7.68
CA ASP B 182 21.14 -3.83 -8.73
C ASP B 182 20.25 -4.30 -9.87
N LEU B 183 20.32 -5.60 -10.20
CA LEU B 183 19.43 -6.15 -11.22
C LEU B 183 17.98 -6.05 -10.80
N SER B 184 17.68 -6.31 -9.52
CA SER B 184 16.32 -6.16 -9.02
C SER B 184 15.87 -4.71 -9.09
N ALA B 185 16.76 -3.77 -8.75
CA ALA B 185 16.42 -2.36 -8.86
C ALA B 185 16.11 -1.97 -10.31
N GLU B 186 16.89 -2.48 -11.26
CA GLU B 186 16.61 -2.21 -12.67
C GLU B 186 15.29 -2.83 -13.11
N ILE B 187 14.99 -4.05 -12.63
CA ILE B 187 13.73 -4.68 -12.96
C ILE B 187 12.57 -3.84 -12.46
N ARG B 188 12.67 -3.36 -11.21
CA ARG B 188 11.62 -2.50 -10.66
C ARG B 188 11.50 -1.21 -11.46
N LEU B 189 12.64 -0.64 -11.86
CA LEU B 189 12.62 0.60 -12.65
C LEU B 189 11.90 0.41 -13.97
N LYS B 190 12.17 -0.70 -14.66
CA LYS B 190 11.47 -1.00 -15.90
C LYS B 190 10.01 -1.40 -15.68
N SER B 191 9.65 -1.82 -14.46
CA SER B 191 8.28 -2.20 -14.15
C SER B 191 7.31 -1.03 -14.15
N GLU B 192 7.72 0.12 -13.60
CA GLU B 192 6.80 1.25 -13.48
C GLU B 192 6.62 2.01 -14.78
N GLU B 193 7.43 1.75 -15.79
CA GLU B 193 7.27 2.34 -17.11
C GLU B 193 6.96 1.24 -18.13
N GLY B 194 6.48 1.65 -19.30
CA GLY B 194 5.96 0.71 -20.27
C GLY B 194 6.99 -0.16 -20.95
N VAL B 195 8.25 0.26 -20.99
CA VAL B 195 9.26 -0.49 -21.73
C VAL B 195 9.55 -1.80 -21.01
N PRO B 196 9.48 -2.94 -21.68
CA PRO B 196 9.79 -4.22 -21.03
C PRO B 196 11.30 -4.39 -20.92
N MET B 197 11.70 -5.53 -20.36
CA MET B 197 13.10 -5.87 -20.16
C MET B 197 13.40 -7.18 -20.88
N THR B 198 14.37 -7.14 -21.78
CA THR B 198 14.66 -8.27 -22.66
C THR B 198 16.15 -8.62 -22.52
N LEU B 199 16.50 -9.84 -22.97
CA LEU B 199 17.80 -10.42 -22.63
C LEU B 199 18.98 -9.56 -23.03
N GLU B 200 18.85 -8.75 -24.09
CA GLU B 200 19.93 -7.83 -24.44
C GLU B 200 20.14 -6.79 -23.34
N ASP B 201 19.06 -6.30 -22.74
CA ASP B 201 19.19 -5.42 -21.58
C ASP B 201 19.90 -6.14 -20.44
N ILE B 202 19.57 -7.41 -20.23
CA ILE B 202 20.21 -8.21 -19.19
C ILE B 202 21.70 -8.31 -19.43
N LYS B 203 22.10 -8.58 -20.67
CA LYS B 203 23.52 -8.69 -21.00
C LYS B 203 24.22 -7.35 -20.85
N SER B 204 23.60 -6.26 -21.31
CA SER B 204 24.22 -4.94 -21.22
C SER B 204 24.36 -4.47 -19.78
N ILE B 205 23.45 -4.86 -18.89
CA ILE B 205 23.60 -4.48 -17.49
C ILE B 205 24.53 -5.45 -16.76
N LEU B 206 24.60 -6.70 -17.19
CA LEU B 206 25.48 -7.70 -16.59
C LEU B 206 26.74 -7.88 -17.44
N GLU B 207 27.53 -6.81 -17.50
CA GLU B 207 28.81 -6.82 -18.21
C GLU B 207 29.81 -6.02 -17.38
N GLY B 208 30.84 -6.71 -16.88
CA GLY B 208 31.79 -6.12 -15.97
C GLY B 208 31.48 -6.37 -14.50
N LYS B 209 30.19 -6.47 -14.16
CA LYS B 209 29.82 -6.85 -12.80
C LYS B 209 30.31 -8.26 -12.47
N LEU B 210 30.14 -9.18 -13.42
CA LEU B 210 30.66 -10.55 -13.32
C LEU B 210 30.15 -11.29 -12.09
N GLU B 211 29.04 -10.83 -11.53
CA GLU B 211 28.33 -11.59 -10.51
C GLU B 211 27.21 -12.42 -11.13
N ALA B 212 27.09 -12.41 -12.45
CA ALA B 212 26.14 -13.24 -13.18
C ALA B 212 26.84 -13.84 -14.39
N CYS B 213 26.33 -14.99 -14.81
CA CYS B 213 26.92 -15.77 -15.90
C CYS B 213 26.07 -15.71 -17.17
N CYS B 214 25.46 -14.56 -17.42
CA CYS B 214 24.66 -14.37 -18.62
C CYS B 214 25.53 -14.42 -19.87
N LEU B 220 23.65 -26.41 -16.99
CA LEU B 220 23.04 -26.32 -15.67
C LEU B 220 23.16 -27.63 -14.89
N VAL B 221 22.73 -28.73 -15.51
CA VAL B 221 22.72 -30.01 -14.83
C VAL B 221 24.14 -30.40 -14.43
N SER B 222 25.06 -30.39 -15.38
CA SER B 222 26.44 -30.76 -15.08
C SER B 222 27.10 -29.75 -14.16
N ALA B 223 26.81 -28.46 -14.34
CA ALA B 223 27.43 -27.43 -13.52
C ALA B 223 27.06 -27.60 -12.05
N LEU B 224 25.76 -27.69 -11.76
CA LEU B 224 25.39 -27.82 -10.36
C LEU B 224 25.61 -29.23 -9.83
N THR B 225 25.71 -30.24 -10.70
CA THR B 225 26.17 -31.54 -10.23
C THR B 225 27.61 -31.48 -9.74
N HIS B 226 28.47 -30.78 -10.49
CA HIS B 226 29.83 -30.53 -10.02
C HIS B 226 29.81 -29.71 -8.74
N GLU B 227 28.88 -28.77 -8.63
CA GLU B 227 28.72 -28.02 -7.38
C GLU B 227 28.40 -28.96 -6.22
N TRP B 228 27.49 -29.92 -6.45
CA TRP B 228 27.07 -30.83 -5.40
C TRP B 228 28.18 -31.82 -5.01
N LYS B 229 29.00 -32.23 -5.98
CA LYS B 229 30.16 -33.05 -5.64
C LYS B 229 31.08 -32.31 -4.68
N GLU B 230 31.31 -31.02 -4.92
CA GLU B 230 32.09 -30.21 -3.99
C GLU B 230 31.38 -30.03 -2.65
N GLY B 231 30.06 -30.13 -2.61
CA GLY B 231 29.28 -30.00 -1.40
C GLY B 231 28.24 -28.89 -1.46
N ARG B 232 28.53 -27.82 -2.18
CA ARG B 232 27.58 -26.71 -2.30
C ARG B 232 26.36 -27.16 -3.10
N ASP B 233 25.19 -26.75 -2.64
CA ASP B 233 23.93 -27.07 -3.30
C ASP B 233 23.26 -25.81 -3.82
N SER B 234 22.73 -25.90 -5.04
CA SER B 234 22.07 -24.78 -5.69
C SER B 234 20.67 -25.15 -6.12
N ARG B 235 20.02 -24.28 -6.90
CA ARG B 235 18.67 -24.55 -7.37
C ARG B 235 18.44 -23.85 -8.69
N ILE B 236 17.36 -24.23 -9.37
CA ILE B 236 16.94 -23.65 -10.63
C ILE B 236 15.51 -23.16 -10.46
N LEU B 237 15.29 -21.86 -10.69
CA LEU B 237 13.99 -21.25 -10.46
C LEU B 237 13.18 -21.27 -11.75
N ALA B 238 12.72 -22.46 -12.11
CA ALA B 238 11.89 -22.66 -13.28
C ALA B 238 10.41 -22.69 -12.87
N TRP B 239 9.55 -23.04 -13.81
CA TRP B 239 8.13 -23.23 -13.53
C TRP B 239 7.91 -24.64 -12.97
N ARG B 240 6.67 -25.07 -12.88
CA ARG B 240 6.34 -26.37 -12.30
C ARG B 240 5.49 -27.19 -13.27
N ASN B 241 5.39 -28.48 -12.97
CA ASN B 241 4.53 -29.45 -13.64
C ASN B 241 5.06 -29.82 -15.03
N ALA B 242 6.08 -29.11 -15.51
CA ALA B 242 6.65 -29.41 -16.82
C ALA B 242 8.17 -29.42 -16.85
N THR B 243 8.86 -28.74 -15.94
CA THR B 243 10.30 -28.52 -16.07
C THR B 243 11.10 -29.04 -14.88
N VAL B 244 10.60 -28.85 -13.66
CA VAL B 244 11.39 -29.16 -12.46
C VAL B 244 11.47 -30.64 -12.15
N ASP B 245 10.74 -31.49 -12.89
CA ASP B 245 10.95 -32.93 -12.75
C ASP B 245 12.03 -33.43 -13.70
N PHE B 246 12.03 -32.91 -14.94
CA PHE B 246 13.11 -33.23 -15.86
C PHE B 246 14.42 -32.61 -15.43
N TYR B 247 14.36 -31.49 -14.69
CA TYR B 247 15.55 -30.84 -14.18
C TYR B 247 15.94 -31.35 -12.80
N ASN B 248 15.26 -32.36 -12.29
CA ASN B 248 15.65 -33.02 -11.04
C ASN B 248 16.04 -34.47 -11.23
N ARG B 249 15.35 -35.21 -12.09
CA ARG B 249 15.73 -36.60 -12.34
C ARG B 249 17.11 -36.68 -12.97
N ALA B 250 17.44 -35.73 -13.85
CA ALA B 250 18.76 -35.72 -14.46
C ALA B 250 19.85 -35.53 -13.41
N ILE B 251 19.65 -34.60 -12.47
CA ILE B 251 20.64 -34.39 -11.42
C ILE B 251 20.71 -35.59 -10.49
N PHE B 252 19.56 -36.23 -10.23
CA PHE B 252 19.58 -37.43 -9.41
C PHE B 252 20.39 -38.54 -10.07
N SER B 253 20.23 -38.71 -11.38
CA SER B 253 20.99 -39.73 -12.09
C SER B 253 22.48 -39.39 -12.14
N SER B 254 22.81 -38.11 -12.37
CA SER B 254 24.21 -37.74 -12.53
C SER B 254 24.95 -37.76 -11.20
N LEU B 255 24.32 -37.26 -10.13
CA LEU B 255 24.99 -37.18 -8.83
C LEU B 255 25.25 -38.58 -8.28
N TYR B 256 24.23 -39.45 -8.31
CA TYR B 256 24.41 -40.85 -7.95
C TYR B 256 24.21 -41.69 -9.21
N PRO B 257 25.28 -42.22 -9.82
CA PRO B 257 25.12 -42.93 -11.09
C PRO B 257 24.17 -44.12 -11.01
N ASP B 258 24.14 -44.81 -9.89
CA ASP B 258 23.23 -45.93 -9.69
C ASP B 258 21.99 -45.46 -8.93
N ALA B 259 20.82 -45.79 -9.47
CA ALA B 259 19.54 -45.40 -8.88
C ALA B 259 18.79 -46.66 -8.48
N THR B 260 19.05 -47.12 -7.25
CA THR B 260 18.39 -48.31 -6.73
C THR B 260 17.18 -48.00 -5.86
N THR B 261 17.13 -46.80 -5.28
CA THR B 261 16.04 -46.39 -4.42
C THR B 261 15.63 -44.98 -4.80
N PRO B 262 14.39 -44.59 -4.50
CA PRO B 262 13.97 -43.21 -4.77
C PRO B 262 14.85 -42.18 -4.09
N PHE B 263 15.37 -42.48 -2.90
CA PHE B 263 16.27 -41.60 -2.19
C PHE B 263 17.53 -42.36 -1.82
N VAL B 264 18.51 -41.64 -1.29
CA VAL B 264 19.78 -42.22 -0.89
C VAL B 264 20.13 -41.72 0.51
N PRO B 265 20.69 -42.55 1.38
CA PRO B 265 21.10 -42.07 2.70
C PRO B 265 22.09 -40.92 2.58
N GLY B 266 21.94 -39.93 3.47
CA GLY B 266 22.72 -38.72 3.42
C GLY B 266 22.15 -37.63 2.55
N GLN B 267 21.12 -37.93 1.76
CA GLN B 267 20.49 -36.93 0.91
C GLN B 267 19.59 -36.01 1.72
N THR B 268 19.46 -34.77 1.25
CA THR B 268 18.53 -33.82 1.81
C THR B 268 17.24 -33.83 0.98
N ALA B 269 16.10 -33.71 1.65
CA ALA B 269 14.81 -33.81 0.98
C ALA B 269 13.92 -32.65 1.41
N ILE B 270 12.84 -32.48 0.67
CA ILE B 270 11.83 -31.45 0.94
C ILE B 270 10.50 -32.15 1.18
N VAL B 271 9.87 -31.85 2.30
CA VAL B 271 8.58 -32.40 2.74
C VAL B 271 8.38 -33.86 2.32
N ASP B 286 5.12 -29.73 9.44
CA ASP B 286 5.56 -28.45 8.92
C ASP B 286 5.38 -28.41 7.40
N THR B 287 5.73 -27.28 6.79
CA THR B 287 5.64 -27.10 5.35
C THR B 287 6.91 -26.45 4.84
N SER B 288 7.38 -26.93 3.69
CA SER B 288 8.57 -26.40 3.03
C SER B 288 9.77 -26.36 3.97
N GLU B 289 9.98 -27.47 4.68
CA GLU B 289 11.12 -27.62 5.59
C GLU B 289 12.02 -28.74 5.08
N GLU B 290 13.31 -28.44 4.95
CA GLU B 290 14.26 -29.45 4.51
C GLU B 290 14.52 -30.46 5.61
N VAL B 291 14.65 -31.74 5.22
CA VAL B 291 14.94 -32.81 6.15
C VAL B 291 16.08 -33.65 5.59
N THR B 292 16.75 -34.36 6.48
CA THR B 292 17.82 -35.28 6.11
C THR B 292 17.26 -36.68 5.96
N ILE B 293 18.01 -37.54 5.27
CA ILE B 293 17.65 -38.94 5.11
C ILE B 293 18.72 -39.78 5.78
N LEU B 294 18.31 -40.66 6.69
CA LEU B 294 19.23 -41.50 7.44
C LEU B 294 19.20 -42.96 7.04
N SER B 295 18.06 -43.47 6.59
CA SER B 295 17.93 -44.86 6.18
C SER B 295 16.71 -44.98 5.27
N LEU B 296 16.39 -46.20 4.88
CA LEU B 296 15.22 -46.45 4.04
C LEU B 296 14.74 -47.87 4.30
N GLU B 297 13.45 -47.99 4.60
CA GLU B 297 12.81 -49.28 4.85
C GLU B 297 13.54 -50.08 5.92
N PHE B 307 7.98 -49.27 0.75
CA PHE B 307 7.09 -48.16 1.06
C PHE B 307 7.36 -47.64 2.47
N LEU B 308 8.61 -47.72 2.90
CA LEU B 308 9.00 -47.28 4.22
C LEU B 308 10.23 -46.41 4.11
N ALA B 309 10.41 -45.53 5.09
CA ALA B 309 11.54 -44.60 5.07
C ALA B 309 11.83 -44.04 6.46
N ARG B 310 12.81 -43.15 6.54
CA ARG B 310 13.17 -42.47 7.78
C ARG B 310 13.43 -41.01 7.44
N VAL B 311 13.00 -40.12 8.33
CA VAL B 311 13.17 -38.68 8.11
C VAL B 311 13.68 -37.99 9.36
N GLN B 312 14.98 -37.75 9.42
CA GLN B 312 15.55 -36.99 10.53
C GLN B 312 15.11 -35.53 10.42
N ARG B 313 14.19 -35.12 11.29
CA ARG B 313 13.65 -33.77 11.21
C ARG B 313 14.44 -32.79 12.07
N ALA B 314 14.30 -31.49 11.79
CA ALA B 314 14.98 -30.46 12.57
C ALA B 314 16.49 -30.67 12.58
N SER B 315 17.07 -30.71 13.78
CA SER B 315 18.50 -30.98 13.90
C SER B 315 18.70 -32.37 14.48
N GLY B 316 18.31 -32.57 15.73
CA GLY B 316 18.46 -33.87 16.38
C GLY B 316 17.21 -34.72 16.48
N GLU B 317 16.09 -34.26 15.93
CA GLU B 317 14.83 -35.01 16.08
C GLU B 317 14.62 -36.09 15.02
N THR B 318 14.95 -37.33 15.35
CA THR B 318 14.77 -38.42 14.39
C THR B 318 13.33 -38.94 14.44
N TRP B 319 12.78 -39.24 13.26
CA TRP B 319 11.40 -39.69 13.13
C TRP B 319 11.29 -40.84 12.15
N THR B 320 10.06 -41.16 11.75
CA THR B 320 9.81 -42.19 10.76
C THR B 320 8.62 -41.75 9.92
N LEU B 321 8.53 -42.30 8.72
CA LEU B 321 7.50 -41.92 7.75
C LEU B 321 7.44 -43.04 6.72
N ARG B 382 10.22 -34.82 -2.61
CA ARG B 382 10.60 -33.61 -3.32
C ARG B 382 12.09 -33.33 -3.18
N HIS B 383 12.83 -33.46 -4.27
CA HIS B 383 14.25 -33.18 -4.24
C HIS B 383 14.50 -31.69 -4.04
N PRO B 384 15.62 -31.32 -3.43
CA PRO B 384 15.91 -29.90 -3.15
C PRO B 384 16.58 -29.13 -4.27
N TRP B 385 16.71 -29.70 -5.47
CA TRP B 385 17.48 -29.06 -6.53
C TRP B 385 16.60 -28.25 -7.47
N ALA B 386 15.65 -28.90 -8.15
CA ALA B 386 14.78 -28.24 -9.11
C ALA B 386 13.47 -27.87 -8.44
N MET B 387 13.05 -26.63 -8.61
CA MET B 387 12.02 -26.03 -7.78
C MET B 387 11.45 -24.81 -8.48
N THR B 388 10.43 -24.22 -7.86
CA THR B 388 9.64 -23.16 -8.45
C THR B 388 9.77 -21.87 -7.63
N VAL B 389 9.68 -20.72 -8.33
CA VAL B 389 9.81 -19.43 -7.66
C VAL B 389 8.71 -19.24 -6.61
N HIS B 390 7.54 -19.83 -6.83
CA HIS B 390 6.47 -19.74 -5.83
C HIS B 390 6.90 -20.35 -4.51
N LYS B 391 7.46 -21.57 -4.56
CA LYS B 391 7.98 -22.19 -3.34
C LYS B 391 9.27 -21.52 -2.87
N ALA B 392 9.88 -20.67 -3.69
CA ALA B 392 11.07 -19.94 -3.31
C ALA B 392 10.78 -18.71 -2.47
N GLN B 393 9.53 -18.25 -2.44
CA GLN B 393 9.21 -16.98 -1.79
C GLN B 393 9.45 -17.09 -0.29
N GLY B 394 10.22 -16.14 0.25
CA GLY B 394 10.59 -16.12 1.64
C GLY B 394 11.83 -16.92 1.99
N SER B 395 12.12 -17.98 1.24
CA SER B 395 13.25 -18.86 1.52
C SER B 395 14.38 -18.53 0.55
N THR B 396 15.57 -18.25 1.10
CA THR B 396 16.68 -17.79 0.29
C THR B 396 17.23 -18.88 -0.63
N TYR B 397 17.50 -20.07 -0.07
CA TYR B 397 18.11 -21.17 -0.82
C TYR B 397 19.47 -20.80 -1.40
N ASP B 398 20.17 -19.87 -0.76
CA ASP B 398 21.57 -19.54 -1.08
C ASP B 398 21.78 -19.28 -2.56
N THR B 399 22.95 -19.68 -3.06
CA THR B 399 23.28 -19.47 -4.48
C THR B 399 22.31 -20.24 -5.36
N VAL B 400 21.79 -19.56 -6.38
CA VAL B 400 20.75 -20.14 -7.22
C VAL B 400 21.02 -19.74 -8.66
N PHE B 401 20.64 -20.63 -9.58
CA PHE B 401 20.66 -20.34 -11.00
C PHE B 401 19.23 -20.11 -11.48
N VAL B 402 19.07 -19.21 -12.44
CA VAL B 402 17.76 -18.82 -12.95
C VAL B 402 17.67 -19.18 -14.42
N ASP B 403 16.63 -19.93 -14.78
CA ASP B 403 16.40 -20.34 -16.15
C ASP B 403 15.53 -19.28 -16.83
N TRP B 404 16.17 -18.42 -17.62
CA TRP B 404 15.45 -17.33 -18.28
C TRP B 404 14.45 -17.84 -19.31
N ASN B 405 14.80 -18.91 -20.03
CA ASN B 405 13.92 -19.41 -21.08
C ASN B 405 12.57 -19.89 -20.56
N ASP B 406 12.44 -20.12 -19.25
CA ASP B 406 11.17 -20.51 -18.67
C ASP B 406 10.35 -19.31 -18.21
N LEU B 407 10.99 -18.37 -17.51
CA LEU B 407 10.25 -17.20 -17.02
C LEU B 407 9.86 -16.26 -18.15
N ARG B 408 10.67 -16.20 -19.21
CA ARG B 408 10.35 -15.30 -20.32
C ARG B 408 9.25 -15.85 -21.22
N ALA B 409 9.15 -17.17 -21.35
CA ALA B 409 8.31 -17.76 -22.38
C ALA B 409 6.82 -17.69 -22.05
N ILE B 410 6.41 -18.37 -20.98
CA ILE B 410 4.98 -18.53 -20.69
C ILE B 410 4.38 -17.23 -20.16
N PRO B 411 4.91 -16.62 -19.09
CA PRO B 411 4.28 -15.39 -18.59
C PRO B 411 4.37 -14.24 -19.58
N SER B 412 3.36 -13.38 -19.55
CA SER B 412 3.33 -12.17 -20.35
C SER B 412 2.88 -10.94 -19.58
N ASP B 413 2.30 -11.10 -18.40
CA ASP B 413 1.84 -9.99 -17.58
C ASP B 413 2.48 -9.97 -16.20
N ASP B 414 2.70 -11.14 -15.60
CA ASP B 414 3.32 -11.22 -14.28
C ASP B 414 4.81 -10.92 -14.30
N PHE B 415 5.41 -10.77 -15.48
CA PHE B 415 6.83 -10.49 -15.58
C PHE B 415 7.18 -9.18 -14.88
N LEU B 416 8.46 -9.06 -14.54
CA LEU B 416 9.03 -7.95 -13.77
C LEU B 416 8.59 -8.06 -12.31
N ARG B 417 7.71 -9.00 -12.01
CA ARG B 417 7.36 -9.37 -10.66
C ARG B 417 7.70 -10.82 -10.33
N ILE B 418 7.66 -11.70 -11.34
CA ILE B 418 8.25 -13.03 -11.20
C ILE B 418 9.77 -12.93 -11.21
N LEU B 419 10.32 -12.03 -12.04
CA LEU B 419 11.76 -11.81 -12.05
C LEU B 419 12.25 -11.29 -10.71
N TYR B 420 11.52 -10.32 -10.14
CA TYR B 420 11.67 -10.01 -8.74
C TYR B 420 11.20 -11.21 -7.91
N THR B 421 11.78 -11.35 -6.71
CA THR B 421 11.53 -12.50 -5.83
C THR B 421 12.20 -13.74 -6.38
N ALA B 422 12.77 -13.64 -7.59
CA ALA B 422 13.65 -14.65 -8.13
C ALA B 422 15.10 -14.18 -8.22
N VAL B 423 15.32 -12.89 -8.43
CA VAL B 423 16.66 -12.33 -8.35
C VAL B 423 17.10 -12.09 -6.92
N THR B 424 16.16 -11.90 -5.99
CA THR B 424 16.49 -11.64 -4.59
C THR B 424 16.69 -12.90 -3.77
N ARG B 425 16.34 -14.07 -4.30
CA ARG B 425 16.59 -15.32 -3.58
C ARG B 425 18.07 -15.57 -3.32
N PRO B 426 18.98 -15.46 -4.29
CA PRO B 426 20.38 -15.78 -4.01
C PRO B 426 20.99 -14.81 -3.00
N SER B 427 21.94 -15.33 -2.22
CA SER B 427 22.62 -14.55 -1.20
C SER B 427 23.93 -13.94 -1.67
N ARG B 428 24.73 -14.68 -2.45
CA ARG B 428 26.01 -14.19 -2.91
C ARG B 428 26.28 -14.40 -4.40
N TYR B 429 25.65 -15.37 -5.05
CA TYR B 429 25.94 -15.66 -6.45
C TYR B 429 24.64 -15.88 -7.22
N LEU B 430 24.52 -15.22 -8.37
CA LEU B 430 23.37 -15.35 -9.24
C LEU B 430 23.85 -15.67 -10.66
N ALA B 431 23.09 -16.49 -11.37
CA ALA B 431 23.44 -16.85 -12.74
C ALA B 431 22.17 -17.02 -13.57
N ILE B 432 22.16 -16.38 -14.74
CA ILE B 432 21.04 -16.45 -15.67
C ILE B 432 21.53 -17.14 -16.93
N CYS B 433 20.79 -18.17 -17.37
CA CYS B 433 21.19 -19.01 -18.48
C CYS B 433 20.22 -18.84 -19.64
N HIS B 434 20.76 -18.68 -20.85
CA HIS B 434 19.93 -18.58 -22.04
C HIS B 434 20.51 -19.42 -23.17
#